data_5IPF
#
_entry.id   5IPF
#
_cell.length_a   59.953
_cell.length_b   117.957
_cell.length_c   139.366
_cell.angle_alpha   90.000
_cell.angle_beta   90.000
_cell.angle_gamma   90.000
#
_symmetry.space_group_name_H-M   'P 21 21 21'
#
loop_
_entity.id
_entity.type
_entity.pdbx_description
1 polymer 'Hypoxanthine-guanine phosphoribosyltransferase (HGPRT)'
2 non-polymer 'INOSINIC ACID'
3 water water
#
_entity_poly.entity_id   1
_entity_poly.type   'polypeptide(L)'
_entity_poly.pdbx_seq_one_letter_code
;MAHHHHHHSSGLEVLFQGPMSSNMIKADCVVIEDSFRGFPTEYFCTSPRYDECLDYVLIPNGMIKDRLEKMSMNIVDYYE
ACNATSITLMCVLKGGFKFLADLVDGLERTVRARGIVLPMSVEFVRVKSYVNDVSIHEPILTGLGDPSEYKDKNVLVVED
IIDTGKTITKLISHLDSLSTKSVKVASLLVKRTSPRNDYRPDFVGFEVPNRFVVGYALDYNDNFRDLHHICVINEVGQKK
FSVPCTSKPV
;
_entity_poly.pdbx_strand_id   A,B,C,D
#
loop_
_chem_comp.id
_chem_comp.type
_chem_comp.name
_chem_comp.formula
IMP non-polymer 'INOSINIC ACID' 'C10 H13 N4 O8 P'
#
# COMPACT_ATOMS: atom_id res chain seq x y z
N ALA A 27 5.59 -24.25 -16.04
CA ALA A 27 4.57 -23.30 -15.61
C ALA A 27 4.84 -22.87 -14.17
N ASP A 28 6.07 -22.46 -13.90
CA ASP A 28 6.45 -22.24 -12.53
C ASP A 28 6.18 -20.81 -12.08
N CYS A 29 6.34 -19.84 -12.97
CA CYS A 29 6.37 -18.44 -12.57
C CYS A 29 6.11 -17.55 -13.78
N VAL A 30 6.21 -16.24 -13.58
CA VAL A 30 6.13 -15.28 -14.67
C VAL A 30 7.45 -15.27 -15.42
N VAL A 31 7.39 -15.43 -16.74
CA VAL A 31 8.58 -15.48 -17.58
C VAL A 31 8.71 -14.17 -18.33
N ILE A 32 9.85 -13.50 -18.16
CA ILE A 32 10.17 -12.27 -18.87
C ILE A 32 11.05 -12.67 -20.03
N GLU A 33 10.46 -12.74 -21.23
CA GLU A 33 11.16 -13.29 -22.39
C GLU A 33 12.34 -12.40 -22.77
N ASP A 34 13.26 -12.99 -23.55
CA ASP A 34 14.44 -12.25 -23.98
C ASP A 34 14.07 -11.09 -24.90
N SER A 35 12.91 -11.15 -25.56
CA SER A 35 12.52 -10.05 -26.43
C SER A 35 12.10 -8.81 -25.65
N PHE A 36 11.82 -8.94 -24.36
CA PHE A 36 11.32 -7.83 -23.57
C PHE A 36 12.40 -6.77 -23.41
N ARG A 37 12.09 -5.53 -23.80
CA ARG A 37 13.06 -4.45 -23.78
C ARG A 37 12.94 -3.56 -22.54
N GLY A 38 12.07 -3.90 -21.60
CA GLY A 38 11.92 -3.11 -20.40
C GLY A 38 11.24 -1.78 -20.65
N PHE A 39 11.15 -1.00 -19.57
CA PHE A 39 10.58 0.33 -19.58
C PHE A 39 11.65 1.37 -19.25
N PRO A 40 11.69 2.47 -20.00
CA PRO A 40 12.68 3.53 -19.71
C PRO A 40 12.47 4.12 -18.33
N THR A 41 13.58 4.44 -17.67
CA THR A 41 13.56 4.87 -16.27
C THR A 41 12.91 6.21 -16.05
N GLU A 42 12.63 6.98 -17.11
CA GLU A 42 12.10 8.33 -16.95
C GLU A 42 10.62 8.35 -16.60
N TYR A 43 9.88 7.30 -16.91
CA TYR A 43 8.44 7.25 -16.65
C TYR A 43 8.11 6.65 -15.29
N PHE A 44 9.13 6.38 -14.46
CA PHE A 44 8.92 5.91 -13.11
C PHE A 44 9.77 6.72 -12.15
N CYS A 45 9.42 6.68 -10.88
CA CYS A 45 10.14 7.42 -9.85
C CYS A 45 11.35 6.61 -9.42
N THR A 46 12.54 7.11 -9.72
CA THR A 46 13.79 6.44 -9.41
C THR A 46 14.63 7.33 -8.51
N SER A 47 15.51 6.71 -7.73
CA SER A 47 16.47 7.44 -6.92
C SER A 47 17.30 8.33 -7.82
N PRO A 48 17.30 9.65 -7.60
CA PRO A 48 17.96 10.56 -8.55
C PRO A 48 19.46 10.35 -8.68
N ARG A 49 20.10 9.67 -7.73
CA ARG A 49 21.55 9.48 -7.80
C ARG A 49 21.94 8.48 -8.87
N TYR A 50 21.08 7.49 -9.15
CA TYR A 50 21.31 6.55 -10.23
C TYR A 50 20.69 7.01 -11.55
N ASP A 51 20.59 8.32 -11.77
CA ASP A 51 19.86 8.83 -12.93
C ASP A 51 20.50 8.38 -14.23
N GLU A 52 21.83 8.40 -14.31
CA GLU A 52 22.54 8.04 -15.52
C GLU A 52 23.14 6.64 -15.47
N CYS A 53 22.82 5.85 -14.45
CA CYS A 53 23.43 4.55 -14.26
C CYS A 53 22.50 3.39 -14.60
N LEU A 54 21.25 3.66 -14.99
CA LEU A 54 20.24 2.63 -15.19
C LEU A 54 19.84 2.58 -16.66
N ASP A 55 19.87 1.38 -17.24
CA ASP A 55 19.45 1.20 -18.63
C ASP A 55 17.93 1.26 -18.76
N TYR A 56 17.24 0.37 -18.06
CA TYR A 56 15.78 0.41 -18.03
C TYR A 56 15.29 -0.28 -16.77
N VAL A 57 13.99 -0.20 -16.54
CA VAL A 57 13.33 -0.88 -15.43
C VAL A 57 12.83 -2.24 -15.91
N LEU A 58 13.21 -3.29 -15.19
CA LEU A 58 12.78 -4.64 -15.58
C LEU A 58 11.47 -5.01 -14.90
N ILE A 59 11.44 -4.99 -13.57
CA ILE A 59 10.21 -5.31 -12.84
C ILE A 59 9.88 -4.15 -11.90
N PRO A 60 8.79 -3.42 -12.13
CA PRO A 60 8.39 -2.37 -11.19
C PRO A 60 8.01 -2.96 -9.84
N ASN A 61 8.13 -2.12 -8.81
CA ASN A 61 7.91 -2.58 -7.43
C ASN A 61 6.50 -3.11 -7.24
N GLY A 62 5.50 -2.35 -7.69
CA GLY A 62 4.12 -2.79 -7.52
C GLY A 62 3.81 -4.09 -8.23
N MET A 63 4.45 -4.35 -9.36
CA MET A 63 4.29 -5.64 -10.02
C MET A 63 4.88 -6.77 -9.17
N ILE A 64 6.00 -6.50 -8.50
CA ILE A 64 6.56 -7.48 -7.57
C ILE A 64 5.56 -7.82 -6.49
N LYS A 65 4.97 -6.79 -5.86
CA LYS A 65 4.00 -7.05 -4.79
C LYS A 65 2.78 -7.81 -5.31
N ASP A 66 2.27 -7.40 -6.48
CA ASP A 66 1.18 -8.13 -7.13
C ASP A 66 1.50 -9.61 -7.28
N ARG A 67 2.73 -9.93 -7.70
CA ARG A 67 3.15 -11.32 -7.78
C ARG A 67 3.16 -11.97 -6.40
N LEU A 68 3.66 -11.24 -5.39
CA LEU A 68 3.82 -11.81 -4.06
C LEU A 68 2.48 -12.11 -3.39
N GLU A 69 1.38 -11.50 -3.86
CA GLU A 69 0.06 -11.93 -3.39
C GLU A 69 -0.17 -13.40 -3.73
N LYS A 70 -0.11 -13.74 -5.02
CA LYS A 70 -0.34 -15.11 -5.46
C LYS A 70 0.70 -16.06 -4.87
N MET A 71 1.96 -15.61 -4.80
CA MET A 71 2.99 -16.44 -4.16
C MET A 71 2.62 -16.75 -2.72
N SER A 72 2.18 -15.73 -1.97
CA SER A 72 1.77 -15.95 -0.59
C SER A 72 0.65 -16.98 -0.50
N MET A 73 -0.33 -16.89 -1.41
CA MET A 73 -1.41 -17.88 -1.40
C MET A 73 -0.87 -19.28 -1.64
N ASN A 74 -0.01 -19.46 -2.65
CA ASN A 74 0.54 -20.77 -2.96
C ASN A 74 1.31 -21.35 -1.77
N ILE A 75 2.19 -20.55 -1.16
CA ILE A 75 2.96 -21.03 -0.01
C ILE A 75 2.04 -21.42 1.14
N VAL A 76 1.04 -20.57 1.41
CA VAL A 76 0.17 -20.83 2.56
C VAL A 76 -0.59 -22.13 2.38
N ASP A 77 -1.26 -22.30 1.23
CA ASP A 77 -2.06 -23.51 1.08
C ASP A 77 -1.19 -24.75 0.86
N TYR A 78 0.06 -24.60 0.44
CA TYR A 78 0.98 -25.74 0.49
C TYR A 78 1.23 -26.16 1.93
N TYR A 79 1.69 -25.22 2.76
CA TYR A 79 2.00 -25.55 4.15
C TYR A 79 0.76 -25.89 4.97
N GLU A 80 -0.43 -25.64 4.45
CA GLU A 80 -1.66 -26.07 5.11
C GLU A 80 -2.19 -27.40 4.58
N ALA A 81 -1.87 -27.75 3.34
CA ALA A 81 -2.30 -29.04 2.81
C ALA A 81 -1.65 -30.21 3.55
N CYS A 82 -0.42 -30.02 4.04
CA CYS A 82 0.28 -31.05 4.79
C CYS A 82 0.30 -30.77 6.29
N ASN A 83 -0.44 -29.76 6.75
CA ASN A 83 -0.59 -29.46 8.17
C ASN A 83 0.77 -29.25 8.84
N ALA A 84 1.57 -28.36 8.27
CA ALA A 84 2.85 -28.03 8.87
C ALA A 84 2.64 -27.39 10.24
N THR A 85 3.29 -27.96 11.25
CA THR A 85 3.20 -27.42 12.60
C THR A 85 3.75 -26.00 12.62
N SER A 86 5.07 -25.86 12.51
CA SER A 86 5.72 -24.56 12.44
C SER A 86 6.30 -24.35 11.04
N ILE A 87 6.41 -23.09 10.64
CA ILE A 87 7.10 -22.73 9.40
C ILE A 87 7.99 -21.53 9.66
N THR A 88 9.27 -21.65 9.31
CA THR A 88 10.29 -20.66 9.68
C THR A 88 10.89 -20.07 8.42
N LEU A 89 10.63 -18.78 8.17
CA LEU A 89 11.21 -18.08 7.04
C LEU A 89 12.63 -17.65 7.39
N MET A 90 13.60 -18.13 6.64
CA MET A 90 15.00 -17.76 6.81
C MET A 90 15.42 -16.83 5.68
N CYS A 91 15.74 -15.58 6.01
CA CYS A 91 16.11 -14.58 5.02
C CYS A 91 17.62 -14.57 4.83
N VAL A 92 18.06 -14.72 3.58
CA VAL A 92 19.47 -14.50 3.25
C VAL A 92 19.70 -13.01 3.19
N LEU A 93 20.51 -12.49 4.12
CA LEU A 93 20.47 -11.08 4.43
C LEU A 93 21.17 -10.24 3.37
N LYS A 94 20.98 -8.92 3.50
CA LYS A 94 21.31 -7.93 2.47
C LYS A 94 20.43 -8.10 1.23
N GLY A 95 20.59 -9.22 0.54
CA GLY A 95 19.93 -9.36 -0.76
C GLY A 95 18.43 -9.59 -0.66
N GLY A 96 17.98 -10.29 0.37
CA GLY A 96 16.61 -10.77 0.38
C GLY A 96 15.70 -10.08 1.37
N PHE A 97 16.10 -8.89 1.83
CA PHE A 97 15.37 -8.25 2.92
C PHE A 97 14.02 -7.71 2.47
N LYS A 98 14.01 -6.86 1.44
CA LYS A 98 12.75 -6.27 0.99
C LYS A 98 11.78 -7.34 0.51
N PHE A 99 12.28 -8.34 -0.22
CA PHE A 99 11.45 -9.46 -0.65
C PHE A 99 10.87 -10.20 0.54
N LEU A 100 11.65 -10.34 1.62
CA LEU A 100 11.13 -10.94 2.84
C LEU A 100 10.04 -10.09 3.46
N ALA A 101 10.22 -8.76 3.47
CA ALA A 101 9.24 -7.88 4.10
C ALA A 101 7.90 -7.94 3.38
N ASP A 102 7.92 -7.76 2.05
CA ASP A 102 6.69 -7.81 1.29
C ASP A 102 6.08 -9.21 1.30
N LEU A 103 6.93 -10.24 1.28
CA LEU A 103 6.42 -11.61 1.33
C LEU A 103 5.72 -11.88 2.65
N VAL A 104 6.31 -11.44 3.76
CA VAL A 104 5.67 -11.62 5.06
C VAL A 104 4.38 -10.83 5.14
N ASP A 105 4.36 -9.63 4.54
CA ASP A 105 3.13 -8.86 4.43
C ASP A 105 2.03 -9.68 3.76
N GLY A 106 2.32 -10.22 2.57
CA GLY A 106 1.32 -11.01 1.87
C GLY A 106 0.92 -12.26 2.61
N LEU A 107 1.88 -12.91 3.27
CA LEU A 107 1.58 -14.14 4.02
C LEU A 107 0.63 -13.84 5.18
N GLU A 108 0.98 -12.88 6.03
CA GLU A 108 0.10 -12.52 7.13
C GLU A 108 -1.26 -12.04 6.66
N ARG A 109 -1.31 -11.37 5.50
CA ARG A 109 -2.60 -10.91 4.99
C ARG A 109 -3.47 -12.09 4.55
N THR A 110 -2.91 -12.99 3.74
CA THR A 110 -3.71 -14.10 3.23
C THR A 110 -4.07 -15.10 4.33
N VAL A 111 -3.23 -15.22 5.36
CA VAL A 111 -3.59 -16.07 6.50
C VAL A 111 -4.63 -15.38 7.36
N ARG A 112 -4.59 -14.04 7.40
CA ARG A 112 -5.57 -13.29 8.18
C ARG A 112 -6.96 -13.37 7.55
N ALA A 113 -7.03 -13.40 6.22
CA ALA A 113 -8.31 -13.40 5.52
C ALA A 113 -8.92 -14.79 5.39
N ARG A 114 -8.29 -15.83 5.93
CA ARG A 114 -8.81 -17.18 5.82
C ARG A 114 -9.10 -17.85 7.14
N GLY A 115 -8.89 -17.18 8.26
CA GLY A 115 -9.00 -17.84 9.55
C GLY A 115 -7.98 -18.94 9.80
N ILE A 116 -7.01 -19.12 8.91
CA ILE A 116 -6.03 -20.20 9.07
C ILE A 116 -5.05 -19.87 10.19
N VAL A 117 -4.67 -20.87 10.98
CA VAL A 117 -3.61 -20.72 11.97
C VAL A 117 -2.37 -21.40 11.39
N LEU A 118 -1.40 -20.59 10.95
CA LEU A 118 -0.15 -21.08 10.38
C LEU A 118 0.99 -20.33 11.06
N PRO A 119 1.55 -20.90 12.13
CA PRO A 119 2.59 -20.18 12.88
C PRO A 119 3.89 -20.07 12.12
N MET A 120 4.29 -18.84 11.83
CA MET A 120 5.49 -18.52 11.07
C MET A 120 6.50 -17.82 11.97
N SER A 121 7.77 -18.14 11.79
CA SER A 121 8.88 -17.46 12.45
C SER A 121 9.75 -16.80 11.41
N VAL A 122 10.70 -15.99 11.88
CA VAL A 122 11.62 -15.29 10.99
C VAL A 122 13.02 -15.35 11.59
N GLU A 123 13.99 -15.77 10.78
CA GLU A 123 15.39 -15.74 11.16
C GLU A 123 16.19 -15.21 9.98
N PHE A 124 17.47 -14.94 10.22
CA PHE A 124 18.32 -14.30 9.22
C PHE A 124 19.66 -15.03 9.13
N VAL A 125 20.30 -14.88 7.98
CA VAL A 125 21.60 -15.49 7.73
C VAL A 125 22.36 -14.64 6.71
N ARG A 126 23.68 -14.72 6.76
CA ARG A 126 24.54 -13.99 5.84
C ARG A 126 25.56 -14.91 5.18
N GLY A 143 27.34 -18.11 6.74
CA GLY A 143 26.20 -18.30 7.63
C GLY A 143 26.41 -17.67 8.99
N LEU A 144 25.37 -17.03 9.52
CA LEU A 144 25.47 -16.32 10.80
C LEU A 144 24.29 -16.63 11.72
N GLY A 145 23.63 -17.77 11.54
CA GLY A 145 22.52 -18.14 12.40
C GLY A 145 22.56 -19.58 12.86
N ASP A 146 22.65 -19.80 14.17
CA ASP A 146 22.81 -21.14 14.70
C ASP A 146 22.12 -21.25 16.06
N PRO A 147 21.36 -22.31 16.30
CA PRO A 147 20.71 -22.48 17.61
C PRO A 147 21.25 -23.57 18.60
N SER A 148 21.36 -24.89 18.36
CA SER A 148 21.07 -25.62 17.12
C SER A 148 19.76 -26.41 17.20
N GLU A 149 18.67 -25.72 17.55
CA GLU A 149 17.35 -26.31 17.65
C GLU A 149 16.55 -26.18 16.36
N TYR A 150 17.20 -25.87 15.23
CA TYR A 150 16.53 -25.85 13.93
C TYR A 150 15.95 -27.20 13.54
N LYS A 151 16.29 -28.26 14.27
CA LYS A 151 15.85 -29.60 13.92
C LYS A 151 14.34 -29.75 14.02
N ASP A 152 13.80 -30.69 13.22
CA ASP A 152 12.39 -31.07 13.17
C ASP A 152 11.46 -29.94 12.73
N LYS A 153 12.00 -28.81 12.27
CA LYS A 153 11.18 -27.68 11.84
C LYS A 153 11.15 -27.59 10.33
N ASN A 154 10.13 -26.91 9.82
CA ASN A 154 9.98 -26.69 8.38
C ASN A 154 10.55 -25.32 8.04
N VAL A 155 11.69 -25.31 7.36
CA VAL A 155 12.39 -24.08 7.01
C VAL A 155 12.07 -23.70 5.57
N LEU A 156 11.77 -22.42 5.36
CA LEU A 156 11.50 -21.85 4.03
C LEU A 156 12.59 -20.83 3.75
N VAL A 157 13.42 -21.11 2.76
CA VAL A 157 14.55 -20.24 2.44
C VAL A 157 14.07 -19.10 1.56
N VAL A 158 14.37 -17.87 1.97
CA VAL A 158 13.99 -16.66 1.25
C VAL A 158 15.28 -16.01 0.78
N GLU A 159 15.58 -16.18 -0.50
CA GLU A 159 16.74 -15.58 -1.14
C GLU A 159 16.28 -14.65 -2.26
N ASP A 160 17.23 -13.91 -2.82
CA ASP A 160 16.93 -12.82 -3.74
C ASP A 160 16.89 -13.26 -5.20
N ILE A 161 17.89 -14.02 -5.66
CA ILE A 161 17.96 -14.41 -7.06
C ILE A 161 18.86 -15.63 -7.18
N ILE A 162 18.51 -16.52 -8.11
CA ILE A 162 19.28 -17.72 -8.41
C ILE A 162 19.91 -17.55 -9.79
N ASP A 163 21.20 -17.84 -9.90
CA ASP A 163 21.89 -17.76 -11.17
C ASP A 163 22.56 -19.09 -11.51
N THR A 164 23.73 -19.34 -10.92
CA THR A 164 24.42 -20.60 -11.15
C THR A 164 23.83 -21.71 -10.28
N GLY A 165 23.51 -21.40 -9.03
CA GLY A 165 22.91 -22.37 -8.12
C GLY A 165 23.83 -22.88 -7.02
N LYS A 166 25.10 -22.51 -7.01
CA LYS A 166 26.01 -23.01 -5.99
C LYS A 166 25.81 -22.30 -4.65
N THR A 167 25.61 -20.98 -4.70
CA THR A 167 25.38 -20.20 -3.48
C THR A 167 24.23 -20.78 -2.66
N ILE A 168 23.16 -21.20 -3.33
CA ILE A 168 22.04 -21.79 -2.61
C ILE A 168 22.29 -23.26 -2.31
N THR A 169 23.02 -23.96 -3.18
CA THR A 169 23.29 -25.38 -2.94
C THR A 169 24.07 -25.59 -1.64
N LYS A 170 25.07 -24.73 -1.39
CA LYS A 170 25.80 -24.82 -0.14
C LYS A 170 24.89 -24.63 1.06
N LEU A 171 23.91 -23.73 0.94
CA LEU A 171 22.99 -23.47 2.04
C LEU A 171 22.07 -24.66 2.28
N ILE A 172 21.50 -25.23 1.21
CA ILE A 172 20.61 -26.37 1.36
C ILE A 172 21.37 -27.56 1.92
N SER A 173 22.66 -27.71 1.55
CA SER A 173 23.47 -28.77 2.13
C SER A 173 23.72 -28.52 3.61
N HIS A 174 23.94 -27.26 4.00
CA HIS A 174 24.15 -26.94 5.40
C HIS A 174 22.87 -27.01 6.23
N LEU A 175 21.71 -27.00 5.57
CA LEU A 175 20.43 -27.06 6.26
C LEU A 175 19.90 -28.48 6.40
N ASP A 176 20.10 -29.31 5.36
CA ASP A 176 19.71 -30.71 5.42
C ASP A 176 20.59 -31.52 6.37
N SER A 177 21.64 -30.92 6.93
CA SER A 177 22.50 -31.58 7.91
C SER A 177 22.01 -31.39 9.34
N LEU A 178 21.08 -30.48 9.58
CA LEU A 178 20.57 -30.19 10.91
C LEU A 178 19.31 -30.97 11.24
N SER A 179 18.94 -31.96 10.42
CA SER A 179 17.78 -32.82 10.64
C SER A 179 16.49 -31.99 10.74
N THR A 180 16.21 -31.28 9.65
CA THR A 180 15.00 -30.47 9.54
C THR A 180 13.90 -31.28 8.84
N LYS A 181 12.66 -31.07 9.29
CA LYS A 181 11.53 -31.82 8.72
C LYS A 181 11.39 -31.54 7.22
N SER A 182 11.69 -30.32 6.79
CA SER A 182 11.60 -29.96 5.38
C SER A 182 12.40 -28.69 5.14
N VAL A 183 13.05 -28.61 3.98
CA VAL A 183 13.81 -27.43 3.57
C VAL A 183 13.35 -27.07 2.16
N LYS A 184 12.65 -25.95 2.02
CA LYS A 184 12.20 -25.44 0.74
C LYS A 184 12.76 -24.03 0.54
N VAL A 185 12.73 -23.57 -0.72
CA VAL A 185 13.35 -22.31 -1.10
C VAL A 185 12.34 -21.46 -1.86
N ALA A 186 12.26 -20.18 -1.51
CA ALA A 186 11.47 -19.20 -2.25
C ALA A 186 12.43 -18.15 -2.80
N SER A 187 12.56 -18.09 -4.11
CA SER A 187 13.45 -17.15 -4.79
C SER A 187 12.62 -16.19 -5.61
N LEU A 188 12.86 -14.88 -5.42
CA LEU A 188 12.10 -13.87 -6.13
C LEU A 188 12.39 -13.93 -7.64
N LEU A 189 13.66 -14.03 -8.01
CA LEU A 189 14.06 -14.06 -9.40
C LEU A 189 14.88 -15.31 -9.69
N VAL A 190 14.82 -15.75 -10.95
CA VAL A 190 15.61 -16.87 -11.44
C VAL A 190 16.16 -16.50 -12.81
N LYS A 191 17.47 -16.63 -12.99
CA LYS A 191 18.10 -16.29 -14.25
C LYS A 191 17.99 -17.44 -15.24
N ARG A 192 17.62 -17.11 -16.48
CA ARG A 192 17.57 -18.09 -17.55
C ARG A 192 19.00 -18.34 -18.05
N THR A 193 19.49 -19.56 -17.87
CA THR A 193 20.86 -19.92 -18.22
C THR A 193 20.84 -20.86 -19.41
N SER A 194 21.91 -20.81 -20.21
CA SER A 194 22.10 -21.75 -21.31
C SER A 194 23.35 -22.60 -21.04
N PRO A 195 23.14 -23.90 -20.77
CA PRO A 195 21.85 -24.58 -20.72
C PRO A 195 21.08 -24.27 -19.44
N ARG A 196 19.79 -24.64 -19.40
CA ARG A 196 18.96 -24.32 -18.24
C ARG A 196 19.57 -24.91 -16.97
N ASN A 197 19.48 -24.14 -15.88
CA ASN A 197 20.06 -24.56 -14.62
C ASN A 197 19.42 -25.85 -14.13
N ASP A 198 20.25 -26.78 -13.67
CA ASP A 198 19.77 -28.08 -13.21
C ASP A 198 18.91 -27.99 -11.97
N TYR A 199 18.79 -26.82 -11.34
CA TYR A 199 18.01 -26.65 -10.13
C TYR A 199 17.06 -25.48 -10.29
N ARG A 200 15.81 -25.69 -9.87
CA ARG A 200 14.80 -24.65 -9.84
C ARG A 200 14.17 -24.65 -8.45
N PRO A 201 14.05 -23.49 -7.79
CA PRO A 201 13.46 -23.47 -6.45
C PRO A 201 11.99 -23.86 -6.47
N ASP A 202 11.44 -24.06 -5.27
CA ASP A 202 10.06 -24.51 -5.15
C ASP A 202 9.06 -23.40 -5.45
N PHE A 203 9.37 -22.18 -5.02
CA PHE A 203 8.53 -21.01 -5.28
C PHE A 203 9.36 -19.95 -5.96
N VAL A 204 8.98 -19.60 -7.19
CA VAL A 204 9.69 -18.61 -7.98
C VAL A 204 8.74 -17.47 -8.32
N GLY A 205 9.22 -16.25 -8.21
CA GLY A 205 8.44 -15.09 -8.61
C GLY A 205 8.50 -14.85 -10.10
N PHE A 206 9.70 -14.54 -10.60
CA PHE A 206 9.89 -14.23 -12.01
C PHE A 206 11.10 -14.97 -12.55
N GLU A 207 11.05 -15.30 -13.84
CA GLU A 207 12.18 -15.86 -14.57
C GLU A 207 12.68 -14.77 -15.52
N VAL A 208 13.88 -14.27 -15.27
CA VAL A 208 14.40 -13.10 -15.98
C VAL A 208 15.48 -13.51 -16.97
N PRO A 209 15.73 -12.73 -18.02
CA PRO A 209 16.82 -13.05 -18.95
C PRO A 209 18.18 -12.99 -18.25
N ASN A 210 19.21 -13.45 -18.95
CA ASN A 210 20.54 -13.54 -18.37
C ASN A 210 21.27 -12.20 -18.46
N ARG A 211 20.65 -11.14 -17.96
CA ARG A 211 21.30 -9.85 -17.77
C ARG A 211 21.37 -9.56 -16.27
N PHE A 212 22.34 -8.71 -15.90
CA PHE A 212 22.53 -8.39 -14.49
C PHE A 212 21.47 -7.39 -14.04
N VAL A 213 20.85 -7.66 -12.89
CA VAL A 213 19.76 -6.84 -12.37
C VAL A 213 20.13 -6.30 -11.00
N VAL A 214 19.63 -5.09 -10.70
CA VAL A 214 19.87 -4.41 -9.43
C VAL A 214 18.55 -3.79 -8.96
N GLY A 215 18.55 -3.28 -7.73
CA GLY A 215 17.39 -2.65 -7.15
C GLY A 215 16.55 -3.63 -6.35
N TYR A 216 15.73 -3.07 -5.44
CA TYR A 216 14.87 -3.86 -4.55
C TYR A 216 15.70 -4.86 -3.73
N ALA A 217 16.66 -4.31 -2.97
CA ALA A 217 17.73 -4.94 -2.19
C ALA A 217 18.73 -5.73 -3.07
N LEU A 218 18.52 -5.89 -4.37
CA LEU A 218 19.56 -6.49 -5.20
C LEU A 218 20.68 -5.50 -5.41
N ASP A 219 21.92 -5.96 -5.30
CA ASP A 219 23.06 -5.07 -5.26
C ASP A 219 24.07 -5.39 -6.35
N TYR A 220 24.86 -4.39 -6.71
CA TYR A 220 26.07 -4.55 -7.51
C TYR A 220 27.21 -3.89 -6.75
N ASN A 221 28.08 -4.71 -6.16
CA ASN A 221 29.17 -4.23 -5.30
C ASN A 221 28.62 -3.41 -4.13
N ASP A 222 27.59 -3.93 -3.47
CA ASP A 222 26.92 -3.32 -2.31
C ASP A 222 26.30 -1.97 -2.63
N ASN A 223 25.96 -1.70 -3.89
CA ASN A 223 25.28 -0.48 -4.29
C ASN A 223 23.96 -0.84 -4.97
N PHE A 224 23.15 0.20 -5.22
CA PHE A 224 21.84 0.10 -5.85
C PHE A 224 20.81 -0.61 -4.98
N ARG A 225 21.03 -0.70 -3.68
CA ARG A 225 20.05 -1.36 -2.83
C ARG A 225 18.85 -0.47 -2.54
N ASP A 226 19.08 0.83 -2.37
CA ASP A 226 17.99 1.77 -2.12
C ASP A 226 17.15 2.06 -3.36
N LEU A 227 17.41 1.39 -4.49
CA LEU A 227 16.56 1.54 -5.65
C LEU A 227 15.23 0.84 -5.42
N HIS A 228 14.16 1.44 -5.96
CA HIS A 228 12.80 0.97 -5.72
C HIS A 228 12.39 -0.19 -6.61
N HIS A 229 12.81 -0.19 -7.86
CA HIS A 229 12.41 -1.22 -8.82
C HIS A 229 13.60 -2.09 -9.19
N ILE A 230 13.30 -3.19 -9.87
CA ILE A 230 14.33 -4.06 -10.42
C ILE A 230 14.72 -3.52 -11.79
N CYS A 231 15.99 -3.16 -11.94
CA CYS A 231 16.50 -2.53 -13.14
C CYS A 231 17.75 -3.25 -13.60
N VAL A 232 18.20 -2.91 -14.81
CA VAL A 232 19.45 -3.42 -15.36
C VAL A 232 20.45 -2.27 -15.43
N ILE A 233 21.69 -2.53 -14.99
CA ILE A 233 22.72 -1.51 -15.06
C ILE A 233 23.19 -1.36 -16.50
N ASN A 234 23.52 -0.13 -16.89
CA ASN A 234 24.12 0.12 -18.18
C ASN A 234 25.65 0.01 -18.04
N GLU A 235 26.39 0.68 -18.92
CA GLU A 235 27.85 0.61 -18.86
C GLU A 235 28.41 1.62 -17.86
N VAL A 236 27.86 2.84 -17.84
CA VAL A 236 28.35 3.86 -16.93
C VAL A 236 28.12 3.45 -15.48
N GLY A 237 26.98 2.81 -15.21
CA GLY A 237 26.74 2.28 -13.88
C GLY A 237 27.65 1.10 -13.55
N GLN A 238 28.06 0.34 -14.57
CA GLN A 238 28.98 -0.77 -14.36
C GLN A 238 30.38 -0.27 -14.05
N LYS A 239 30.76 0.89 -14.60
CA LYS A 239 32.08 1.45 -14.33
C LYS A 239 32.10 2.34 -13.09
N LYS A 240 30.96 2.87 -12.68
CA LYS A 240 30.89 3.76 -11.52
C LYS A 240 30.97 3.01 -10.19
N PHE A 241 30.76 1.70 -10.19
CA PHE A 241 30.78 0.90 -8.97
C PHE A 241 31.58 -0.38 -9.20
N SER A 242 32.76 -0.25 -9.80
CA SER A 242 33.57 -1.41 -10.10
C SER A 242 34.30 -1.90 -8.85
N VAL A 243 34.79 -3.14 -8.93
CA VAL A 243 35.52 -3.74 -7.82
C VAL A 243 36.98 -3.33 -7.88
N ALA B 27 1.20 12.88 -24.55
CA ALA B 27 2.65 13.02 -24.48
C ALA B 27 3.33 11.65 -24.45
N ASP B 28 4.65 11.65 -24.25
CA ASP B 28 5.38 10.40 -24.16
C ASP B 28 5.03 9.68 -22.86
N CYS B 29 5.06 8.35 -22.91
CA CYS B 29 4.59 7.54 -21.80
C CYS B 29 5.18 6.14 -21.93
N VAL B 30 4.61 5.19 -21.19
CA VAL B 30 5.00 3.79 -21.30
C VAL B 30 4.29 3.19 -22.50
N VAL B 31 5.07 2.71 -23.47
CA VAL B 31 4.51 2.11 -24.68
C VAL B 31 4.44 0.60 -24.49
N ILE B 32 3.23 0.06 -24.54
CA ILE B 32 3.03 -1.39 -24.54
C ILE B 32 3.13 -1.84 -25.99
N GLU B 33 4.28 -2.41 -26.35
CA GLU B 33 4.56 -2.78 -27.72
C GLU B 33 3.58 -3.83 -28.22
N ASP B 34 3.35 -3.84 -29.53
CA ASP B 34 2.43 -4.81 -30.12
C ASP B 34 2.94 -6.23 -29.96
N SER B 35 4.25 -6.41 -29.84
CA SER B 35 4.84 -7.73 -29.66
C SER B 35 4.69 -8.26 -28.24
N PHE B 36 4.16 -7.45 -27.31
CA PHE B 36 4.01 -7.88 -25.93
C PHE B 36 2.93 -8.95 -25.82
N ARG B 37 3.30 -10.13 -25.35
CA ARG B 37 2.38 -11.25 -25.21
C ARG B 37 1.58 -11.22 -23.92
N GLY B 38 1.93 -10.33 -22.99
CA GLY B 38 1.22 -10.23 -21.73
C GLY B 38 1.71 -11.23 -20.70
N PHE B 39 1.11 -11.16 -19.52
CA PHE B 39 1.36 -12.10 -18.45
C PHE B 39 0.13 -12.94 -18.20
N PRO B 40 0.25 -14.26 -18.15
CA PRO B 40 -0.94 -15.10 -17.94
C PRO B 40 -1.53 -14.88 -16.55
N THR B 41 -2.87 -14.94 -16.48
CA THR B 41 -3.59 -14.58 -15.26
C THR B 41 -3.32 -15.55 -14.12
N GLU B 42 -2.78 -16.74 -14.41
CA GLU B 42 -2.61 -17.76 -13.36
C GLU B 42 -1.59 -17.36 -12.31
N TYR B 43 -0.65 -16.47 -12.64
CA TYR B 43 0.41 -16.08 -11.72
C TYR B 43 0.09 -14.81 -10.96
N PHE B 44 -1.11 -14.26 -11.14
CA PHE B 44 -1.60 -13.14 -10.36
C PHE B 44 -2.97 -13.50 -9.78
N CYS B 45 -3.54 -12.58 -9.01
CA CYS B 45 -4.85 -12.80 -8.41
C CYS B 45 -5.92 -12.17 -9.29
N THR B 46 -6.84 -13.00 -9.77
CA THR B 46 -8.00 -12.55 -10.52
C THR B 46 -9.26 -12.95 -9.76
N SER B 47 -10.31 -12.14 -9.91
CA SER B 47 -11.57 -12.47 -9.28
C SER B 47 -12.11 -13.76 -9.86
N PRO B 48 -12.67 -14.65 -9.03
CA PRO B 48 -13.05 -15.99 -9.52
C PRO B 48 -14.16 -15.99 -10.55
N ARG B 49 -14.93 -14.90 -10.67
CA ARG B 49 -16.06 -14.91 -11.61
C ARG B 49 -15.63 -14.83 -13.07
N TYR B 50 -14.39 -14.44 -13.34
CA TYR B 50 -13.90 -14.37 -14.72
C TYR B 50 -12.83 -15.42 -14.96
N ASP B 51 -13.17 -16.69 -14.69
CA ASP B 51 -12.18 -17.76 -14.77
C ASP B 51 -11.72 -17.98 -16.21
N GLU B 52 -12.65 -18.29 -17.11
CA GLU B 52 -12.34 -18.60 -18.50
C GLU B 52 -12.61 -17.42 -19.42
N CYS B 53 -12.56 -16.19 -18.92
CA CYS B 53 -12.87 -15.01 -19.71
C CYS B 53 -11.67 -14.12 -19.98
N LEU B 54 -10.56 -14.29 -19.27
CA LEU B 54 -9.40 -13.43 -19.41
C LEU B 54 -8.32 -14.12 -20.24
N ASP B 55 -7.88 -13.45 -21.31
CA ASP B 55 -6.78 -13.96 -22.11
C ASP B 55 -5.47 -13.91 -21.33
N TYR B 56 -5.08 -12.71 -20.90
CA TYR B 56 -3.87 -12.51 -20.12
C TYR B 56 -3.98 -11.18 -19.40
N VAL B 57 -2.99 -10.91 -18.55
CA VAL B 57 -2.91 -9.65 -17.80
C VAL B 57 -1.99 -8.71 -18.57
N LEU B 58 -2.52 -7.55 -18.96
CA LEU B 58 -1.74 -6.58 -19.72
C LEU B 58 -0.94 -5.65 -18.82
N ILE B 59 -1.56 -5.10 -17.78
CA ILE B 59 -0.89 -4.21 -16.84
C ILE B 59 -1.29 -4.56 -15.42
N PRO B 60 -0.36 -5.00 -14.58
CA PRO B 60 -0.70 -5.26 -13.18
C PRO B 60 -1.05 -3.98 -12.44
N ASN B 61 -1.89 -4.15 -11.41
CA ASN B 61 -2.36 -3.02 -10.60
C ASN B 61 -1.20 -2.22 -10.02
N GLY B 62 -0.21 -2.92 -9.46
CA GLY B 62 0.93 -2.24 -8.86
C GLY B 62 1.70 -1.41 -9.86
N MET B 63 1.84 -1.91 -11.09
CA MET B 63 2.50 -1.12 -12.13
C MET B 63 1.71 0.14 -12.43
N ILE B 64 0.38 0.04 -12.47
CA ILE B 64 -0.46 1.22 -12.64
C ILE B 64 -0.14 2.25 -11.56
N LYS B 65 -0.10 1.81 -10.31
CA LYS B 65 0.17 2.74 -9.21
C LYS B 65 1.54 3.38 -9.34
N ASP B 66 2.57 2.57 -9.63
CA ASP B 66 3.93 3.09 -9.74
C ASP B 66 4.07 4.09 -10.89
N ARG B 67 3.31 3.89 -11.97
CA ARG B 67 3.29 4.91 -13.02
C ARG B 67 2.53 6.16 -12.55
N LEU B 68 1.48 5.97 -11.75
CA LEU B 68 0.67 7.10 -11.30
C LEU B 68 1.44 7.99 -10.34
N GLU B 69 2.44 7.46 -9.65
CA GLU B 69 3.33 8.31 -8.86
C GLU B 69 4.01 9.35 -9.76
N LYS B 70 4.66 8.89 -10.84
CA LYS B 70 5.35 9.79 -11.74
C LYS B 70 4.38 10.74 -12.43
N MET B 71 3.21 10.23 -12.84
CA MET B 71 2.20 11.11 -13.42
C MET B 71 1.80 12.21 -12.43
N SER B 72 1.67 11.85 -11.16
CA SER B 72 1.32 12.85 -10.15
C SER B 72 2.41 13.91 -10.03
N MET B 73 3.67 13.50 -10.03
CA MET B 73 4.75 14.48 -9.99
C MET B 73 4.70 15.42 -11.20
N ASN B 74 4.52 14.85 -12.39
CA ASN B 74 4.48 15.66 -13.61
C ASN B 74 3.34 16.67 -13.57
N ILE B 75 2.15 16.21 -13.18
CA ILE B 75 1.00 17.12 -13.10
C ILE B 75 1.27 18.24 -12.10
N VAL B 76 1.74 17.86 -10.90
CA VAL B 76 1.89 18.84 -9.82
C VAL B 76 2.93 19.89 -10.20
N ASP B 77 4.09 19.49 -10.70
CA ASP B 77 5.06 20.51 -11.04
C ASP B 77 4.76 21.21 -12.37
N TYR B 78 3.84 20.70 -13.18
CA TYR B 78 3.31 21.51 -14.27
C TYR B 78 2.48 22.66 -13.72
N TYR B 79 1.47 22.34 -12.91
CA TYR B 79 0.66 23.41 -12.32
C TYR B 79 1.45 24.26 -11.35
N GLU B 80 2.63 23.81 -10.94
CA GLU B 80 3.50 24.64 -10.10
C GLU B 80 4.40 25.53 -10.95
N ALA B 81 4.77 25.08 -12.15
CA ALA B 81 5.43 25.97 -13.09
C ALA B 81 4.53 27.14 -13.45
N CYS B 82 3.28 26.85 -13.81
CA CYS B 82 2.24 27.87 -13.82
C CYS B 82 1.95 28.30 -12.39
N ASN B 83 1.09 29.29 -12.23
CA ASN B 83 0.68 29.64 -10.88
C ASN B 83 -0.83 29.47 -10.72
N ALA B 84 -1.28 28.23 -10.92
CA ALA B 84 -2.68 27.91 -10.79
C ALA B 84 -3.14 28.11 -9.35
N THR B 85 -4.21 28.90 -9.18
CA THR B 85 -4.78 29.11 -7.86
C THR B 85 -5.45 27.87 -7.30
N SER B 86 -5.91 26.97 -8.16
CA SER B 86 -6.51 25.70 -7.75
C SER B 86 -6.51 24.78 -8.96
N ILE B 87 -6.99 23.55 -8.75
CA ILE B 87 -7.16 22.60 -9.85
C ILE B 87 -8.41 21.75 -9.58
N THR B 88 -9.25 21.63 -10.60
CA THR B 88 -10.52 20.90 -10.50
C THR B 88 -10.43 19.65 -11.38
N LEU B 89 -10.34 18.48 -10.75
CA LEU B 89 -10.28 17.23 -11.49
C LEU B 89 -11.68 16.77 -11.85
N MET B 90 -11.89 16.37 -13.10
CA MET B 90 -13.19 15.93 -13.59
C MET B 90 -13.16 14.42 -13.84
N CYS B 91 -13.82 13.67 -12.97
CA CYS B 91 -13.89 12.21 -13.12
C CYS B 91 -14.91 11.86 -14.19
N VAL B 92 -14.48 11.11 -15.21
CA VAL B 92 -15.38 10.65 -16.26
C VAL B 92 -15.84 9.26 -15.87
N LEU B 93 -17.02 9.18 -15.28
CA LEU B 93 -17.60 7.93 -14.80
C LEU B 93 -18.19 7.11 -15.96
N LYS B 94 -18.30 5.79 -15.80
CA LYS B 94 -17.92 5.05 -14.60
C LYS B 94 -16.48 4.55 -14.66
N GLY B 95 -15.86 4.68 -15.84
CA GLY B 95 -14.60 4.00 -16.08
C GLY B 95 -13.44 4.56 -15.27
N GLY B 96 -13.41 5.87 -15.06
CA GLY B 96 -12.22 6.49 -14.50
C GLY B 96 -12.19 6.58 -12.99
N PHE B 97 -12.99 5.74 -12.31
CA PHE B 97 -13.20 5.95 -10.89
C PHE B 97 -12.04 5.42 -10.05
N LYS B 98 -11.55 4.21 -10.35
CA LYS B 98 -10.33 3.73 -9.72
C LYS B 98 -9.15 4.61 -10.10
N PHE B 99 -9.04 4.95 -11.39
CA PHE B 99 -7.98 5.84 -11.86
C PHE B 99 -7.99 7.15 -11.09
N LEU B 100 -9.16 7.77 -10.95
CA LEU B 100 -9.24 9.03 -10.21
C LEU B 100 -8.89 8.84 -8.74
N ALA B 101 -9.30 7.71 -8.16
CA ALA B 101 -8.98 7.45 -6.76
C ALA B 101 -7.48 7.44 -6.53
N ASP B 102 -6.76 6.55 -7.23
CA ASP B 102 -5.33 6.42 -6.98
C ASP B 102 -4.57 7.65 -7.46
N LEU B 103 -5.04 8.31 -8.53
CA LEU B 103 -4.39 9.55 -8.97
C LEU B 103 -4.54 10.65 -7.94
N VAL B 104 -5.73 10.80 -7.37
CA VAL B 104 -5.93 11.79 -6.30
C VAL B 104 -5.05 11.45 -5.11
N ASP B 105 -4.87 10.17 -4.82
CA ASP B 105 -3.92 9.79 -3.77
C ASP B 105 -2.50 10.24 -4.13
N GLY B 106 -2.09 10.09 -5.39
CA GLY B 106 -0.76 10.51 -5.77
C GLY B 106 -0.57 12.02 -5.70
N LEU B 107 -1.54 12.76 -6.24
CA LEU B 107 -1.47 14.22 -6.22
C LEU B 107 -1.46 14.75 -4.78
N GLU B 108 -2.38 14.26 -3.95
CA GLU B 108 -2.38 14.63 -2.54
C GLU B 108 -1.05 14.29 -1.87
N ARG B 109 -0.46 13.15 -2.25
CA ARG B 109 0.75 12.71 -1.54
C ARG B 109 1.97 13.53 -1.94
N THR B 110 2.03 13.99 -3.19
CA THR B 110 3.14 14.84 -3.62
C THR B 110 2.93 16.32 -3.28
N VAL B 111 1.68 16.76 -3.13
CA VAL B 111 1.45 18.15 -2.74
C VAL B 111 1.86 18.37 -1.29
N ARG B 112 1.52 17.42 -0.41
CA ARG B 112 1.92 17.52 0.99
C ARG B 112 3.36 17.10 1.23
N ALA B 113 3.99 16.41 0.27
CA ALA B 113 5.39 16.05 0.41
C ALA B 113 6.32 17.18 0.00
N ARG B 114 5.88 18.05 -0.90
CA ARG B 114 6.67 19.20 -1.34
C ARG B 114 6.30 20.48 -0.60
N GLY B 115 5.36 20.40 0.34
CA GLY B 115 4.98 21.55 1.13
C GLY B 115 4.29 22.67 0.39
N ILE B 116 3.85 22.43 -0.84
CA ILE B 116 3.23 23.47 -1.66
C ILE B 116 1.74 23.54 -1.34
N VAL B 117 1.22 24.76 -1.27
CA VAL B 117 -0.21 24.98 -1.10
C VAL B 117 -0.85 24.96 -2.48
N LEU B 118 -1.69 23.96 -2.75
CA LEU B 118 -2.35 23.81 -4.04
C LEU B 118 -3.69 23.14 -3.81
N PRO B 119 -4.78 23.91 -3.78
CA PRO B 119 -6.10 23.31 -3.53
C PRO B 119 -6.61 22.54 -4.73
N MET B 120 -7.12 21.34 -4.47
CA MET B 120 -7.67 20.47 -5.50
C MET B 120 -9.12 20.14 -5.17
N SER B 121 -10.00 20.33 -6.13
CA SER B 121 -11.39 19.92 -6.02
C SER B 121 -11.67 18.78 -7.00
N VAL B 122 -12.79 18.10 -6.80
CA VAL B 122 -13.17 16.95 -7.63
C VAL B 122 -14.62 17.10 -8.04
N GLU B 123 -14.85 17.18 -9.34
CA GLU B 123 -16.16 17.15 -9.98
C GLU B 123 -16.35 15.80 -10.67
N PHE B 124 -17.60 15.40 -10.84
CA PHE B 124 -17.94 14.11 -11.43
C PHE B 124 -18.91 14.30 -12.59
N VAL B 125 -18.69 13.54 -13.67
CA VAL B 125 -19.61 13.50 -14.80
C VAL B 125 -19.80 12.03 -15.20
N ARG B 126 -20.56 11.81 -16.27
CA ARG B 126 -20.82 10.47 -16.76
C ARG B 126 -21.22 10.48 -18.23
N LYS B 151 -16.39 26.99 -13.94
CA LYS B 151 -16.17 28.25 -14.66
C LYS B 151 -14.96 29.00 -14.11
N ASP B 152 -14.03 29.34 -15.01
CA ASP B 152 -12.81 30.08 -14.66
C ASP B 152 -11.94 29.30 -13.68
N LYS B 153 -11.84 27.99 -13.91
CA LYS B 153 -10.98 27.12 -13.11
C LYS B 153 -10.11 26.28 -14.03
N ASN B 154 -9.11 25.64 -13.43
CA ASN B 154 -8.16 24.79 -14.15
C ASN B 154 -8.68 23.36 -14.11
N VAL B 155 -9.42 22.98 -15.13
CA VAL B 155 -10.05 21.66 -15.17
C VAL B 155 -9.05 20.65 -15.73
N LEU B 156 -8.85 19.55 -15.01
CA LEU B 156 -8.05 18.43 -15.46
C LEU B 156 -8.97 17.24 -15.67
N VAL B 157 -9.20 16.88 -16.92
CA VAL B 157 -10.09 15.77 -17.24
C VAL B 157 -9.39 14.45 -16.93
N VAL B 158 -10.09 13.56 -16.23
CA VAL B 158 -9.58 12.27 -15.82
C VAL B 158 -10.48 11.20 -16.42
N GLU B 159 -10.00 10.54 -17.46
CA GLU B 159 -10.74 9.51 -18.18
C GLU B 159 -9.94 8.22 -18.19
N ASP B 160 -10.61 7.13 -18.57
CA ASP B 160 -10.01 5.80 -18.48
C ASP B 160 -9.13 5.48 -19.68
N ILE B 161 -9.71 5.49 -20.89
CA ILE B 161 -8.97 5.18 -22.11
C ILE B 161 -9.52 6.02 -23.26
N ILE B 162 -8.67 6.25 -24.26
CA ILE B 162 -9.02 7.00 -25.46
C ILE B 162 -8.63 6.15 -26.67
N ASP B 163 -9.63 5.81 -27.50
CA ASP B 163 -9.38 5.05 -28.71
C ASP B 163 -9.39 5.97 -29.92
N THR B 164 -10.57 6.47 -30.29
CA THR B 164 -10.69 7.36 -31.43
C THR B 164 -10.63 8.82 -31.02
N GLY B 165 -11.18 9.18 -29.86
CA GLY B 165 -11.18 10.54 -29.37
C GLY B 165 -12.51 11.24 -29.45
N LYS B 166 -13.58 10.55 -29.85
CA LYS B 166 -14.89 11.16 -29.96
C LYS B 166 -15.38 11.69 -28.61
N THR B 167 -15.30 10.85 -27.58
CA THR B 167 -15.78 11.23 -26.25
C THR B 167 -15.02 12.42 -25.71
N ILE B 168 -13.69 12.36 -25.75
CA ILE B 168 -12.88 13.44 -25.19
C ILE B 168 -13.07 14.73 -25.98
N THR B 169 -13.38 14.61 -27.28
CA THR B 169 -13.65 15.80 -28.09
C THR B 169 -14.96 16.45 -27.67
N LYS B 170 -16.00 15.64 -27.50
CA LYS B 170 -17.29 16.19 -27.06
C LYS B 170 -17.17 16.83 -25.67
N LEU B 171 -16.53 16.12 -24.73
CA LEU B 171 -16.40 16.65 -23.37
C LEU B 171 -15.58 17.93 -23.36
N ILE B 172 -14.45 17.95 -24.08
CA ILE B 172 -13.61 19.14 -24.12
C ILE B 172 -14.39 20.31 -24.74
N SER B 173 -15.19 20.03 -25.77
CA SER B 173 -16.00 21.07 -26.38
C SER B 173 -17.02 21.62 -25.39
N HIS B 174 -17.60 20.75 -24.57
CA HIS B 174 -18.50 21.22 -23.52
C HIS B 174 -17.77 22.09 -22.51
N LEU B 175 -16.50 21.75 -22.21
CA LEU B 175 -15.74 22.52 -21.25
C LEU B 175 -15.35 23.90 -21.79
N ASP B 176 -15.13 24.00 -23.12
CA ASP B 176 -14.75 25.27 -23.73
C ASP B 176 -15.85 26.32 -23.68
N SER B 177 -17.08 25.95 -23.36
CA SER B 177 -18.17 26.91 -23.32
C SER B 177 -18.33 27.57 -21.95
N LEU B 178 -17.87 26.92 -20.89
CA LEU B 178 -18.03 27.41 -19.52
C LEU B 178 -16.95 28.42 -19.12
N SER B 179 -16.10 28.83 -20.06
CA SER B 179 -15.05 29.82 -19.81
C SER B 179 -14.11 29.35 -18.69
N THR B 180 -13.51 28.19 -18.91
CA THR B 180 -12.55 27.64 -17.96
C THR B 180 -11.21 28.35 -18.11
N LYS B 181 -10.47 28.42 -17.00
CA LYS B 181 -9.14 29.01 -17.05
C LYS B 181 -8.19 28.16 -17.88
N SER B 182 -8.22 26.85 -17.67
CA SER B 182 -7.43 25.92 -18.45
C SER B 182 -8.21 24.61 -18.57
N VAL B 183 -7.91 23.86 -19.63
CA VAL B 183 -8.52 22.56 -19.88
C VAL B 183 -7.40 21.62 -20.28
N LYS B 184 -6.97 20.78 -19.33
CA LYS B 184 -5.99 19.73 -19.59
C LYS B 184 -6.65 18.38 -19.36
N VAL B 185 -6.10 17.35 -20.00
CA VAL B 185 -6.66 16.00 -19.97
C VAL B 185 -5.59 15.02 -19.54
N ALA B 186 -5.92 14.17 -18.56
CA ALA B 186 -5.06 13.08 -18.12
C ALA B 186 -5.77 11.77 -18.45
N SER B 187 -5.11 10.93 -19.24
CA SER B 187 -5.66 9.64 -19.66
C SER B 187 -4.76 8.52 -19.16
N LEU B 188 -5.38 7.44 -18.68
CA LEU B 188 -4.62 6.31 -18.19
C LEU B 188 -4.05 5.48 -19.34
N LEU B 189 -4.89 5.15 -20.33
CA LEU B 189 -4.49 4.36 -21.47
C LEU B 189 -4.80 5.09 -22.77
N VAL B 190 -4.00 4.80 -23.79
CA VAL B 190 -4.22 5.34 -25.14
C VAL B 190 -4.05 4.20 -26.13
N LYS B 191 -5.09 3.92 -26.90
CA LYS B 191 -5.04 2.85 -27.89
C LYS B 191 -4.25 3.29 -29.10
N ARG B 192 -3.23 2.50 -29.46
CA ARG B 192 -2.41 2.78 -30.62
C ARG B 192 -3.15 2.31 -31.87
N THR B 193 -3.64 3.25 -32.66
CA THR B 193 -4.43 2.96 -33.85
C THR B 193 -3.64 3.25 -35.12
N SER B 194 -4.10 2.67 -36.22
CA SER B 194 -3.48 2.88 -37.53
C SER B 194 -4.52 3.39 -38.53
N PRO B 195 -4.40 4.65 -38.97
CA PRO B 195 -3.33 5.60 -38.64
C PRO B 195 -3.39 6.12 -37.21
N ARG B 196 -2.27 6.67 -36.73
CA ARG B 196 -2.22 7.18 -35.36
C ARG B 196 -3.27 8.25 -35.16
N ASN B 197 -3.92 8.21 -33.99
CA ASN B 197 -4.99 9.16 -33.71
C ASN B 197 -4.46 10.59 -33.73
N ASP B 198 -5.28 11.51 -34.27
CA ASP B 198 -4.84 12.88 -34.46
C ASP B 198 -4.55 13.59 -33.15
N TYR B 199 -5.23 13.21 -32.07
CA TYR B 199 -5.08 13.91 -30.81
C TYR B 199 -4.49 13.00 -29.73
N ARG B 200 -3.76 13.63 -28.81
CA ARG B 200 -3.08 12.96 -27.70
C ARG B 200 -3.21 13.83 -26.45
N PRO B 201 -3.48 13.22 -25.30
CA PRO B 201 -3.71 14.01 -24.09
C PRO B 201 -2.43 14.68 -23.58
N ASP B 202 -2.62 15.54 -22.58
CA ASP B 202 -1.49 16.25 -21.99
C ASP B 202 -0.68 15.33 -21.09
N PHE B 203 -1.35 14.42 -20.37
CA PHE B 203 -0.70 13.42 -19.54
C PHE B 203 -1.26 12.05 -19.91
N VAL B 204 -0.36 11.08 -20.11
CA VAL B 204 -0.76 9.73 -20.47
C VAL B 204 0.01 8.74 -19.60
N GLY B 205 -0.68 7.70 -19.16
CA GLY B 205 -0.05 6.64 -18.37
C GLY B 205 0.60 5.57 -19.23
N PHE B 206 -0.19 4.89 -20.05
CA PHE B 206 0.30 3.80 -20.88
C PHE B 206 -0.30 3.92 -22.29
N GLU B 207 0.51 3.59 -23.29
CA GLU B 207 0.06 3.48 -24.68
C GLU B 207 0.01 1.99 -25.01
N VAL B 208 -1.19 1.48 -25.22
CA VAL B 208 -1.42 0.04 -25.32
C VAL B 208 -1.81 -0.33 -26.75
N PRO B 209 -1.66 -1.59 -27.17
CA PRO B 209 -2.08 -1.97 -28.51
C PRO B 209 -3.59 -1.85 -28.69
N ASN B 210 -4.02 -1.95 -29.96
CA ASN B 210 -5.43 -1.85 -30.31
C ASN B 210 -6.13 -3.18 -30.01
N ARG B 211 -6.29 -3.45 -28.72
CA ARG B 211 -7.01 -4.63 -28.24
C ARG B 211 -7.89 -4.21 -27.08
N PHE B 212 -9.11 -4.75 -27.05
CA PHE B 212 -10.06 -4.37 -26.00
C PHE B 212 -9.55 -4.83 -24.65
N VAL B 213 -9.48 -3.90 -23.70
CA VAL B 213 -8.96 -4.17 -22.37
C VAL B 213 -10.06 -3.93 -21.35
N VAL B 214 -9.99 -4.67 -20.24
CA VAL B 214 -10.93 -4.57 -19.13
C VAL B 214 -10.14 -4.58 -17.84
N GLY B 215 -10.84 -4.30 -16.74
CA GLY B 215 -10.23 -4.26 -15.43
C GLY B 215 -9.79 -2.85 -15.05
N TYR B 216 -9.59 -2.66 -13.74
CA TYR B 216 -9.29 -1.34 -13.18
C TYR B 216 -10.38 -0.34 -13.54
N ALA B 217 -11.63 -0.79 -13.40
CA ALA B 217 -12.88 -0.10 -13.75
C ALA B 217 -13.10 0.04 -15.25
N LEU B 218 -12.17 -0.41 -16.09
CA LEU B 218 -12.46 -0.55 -17.52
C LEU B 218 -13.48 -1.65 -17.70
N ASP B 219 -14.54 -1.37 -18.45
CA ASP B 219 -15.70 -2.24 -18.49
C ASP B 219 -15.88 -2.85 -19.87
N TYR B 220 -16.79 -3.84 -19.92
CA TYR B 220 -17.30 -4.42 -21.17
C TYR B 220 -18.78 -4.68 -20.93
N ASN B 221 -19.61 -3.69 -21.30
CA ASN B 221 -21.06 -3.70 -21.02
C ASN B 221 -21.34 -3.80 -19.52
N ASP B 222 -20.75 -2.87 -18.75
CA ASP B 222 -20.84 -2.72 -17.30
C ASP B 222 -20.34 -3.95 -16.52
N ASN B 223 -19.61 -4.85 -17.16
CA ASN B 223 -18.95 -5.95 -16.47
C ASN B 223 -17.44 -5.81 -16.56
N PHE B 224 -16.73 -6.58 -15.75
CA PHE B 224 -15.28 -6.63 -15.60
C PHE B 224 -14.73 -5.46 -14.78
N ARG B 225 -15.57 -4.58 -14.23
CA ARG B 225 -15.05 -3.43 -13.51
C ARG B 225 -14.33 -3.85 -12.24
N ASP B 226 -14.80 -4.89 -11.57
CA ASP B 226 -14.24 -5.33 -10.30
C ASP B 226 -12.95 -6.12 -10.45
N LEU B 227 -12.24 -5.97 -11.57
CA LEU B 227 -10.96 -6.63 -11.77
C LEU B 227 -9.83 -5.75 -11.25
N HIS B 228 -8.82 -6.38 -10.66
CA HIS B 228 -7.75 -5.64 -10.03
C HIS B 228 -6.74 -5.13 -11.05
N HIS B 229 -6.47 -5.91 -12.09
CA HIS B 229 -5.51 -5.55 -13.13
C HIS B 229 -6.23 -5.29 -14.45
N ILE B 230 -5.52 -4.65 -15.37
CA ILE B 230 -6.02 -4.41 -16.71
C ILE B 230 -5.67 -5.61 -17.58
N CYS B 231 -6.68 -6.25 -18.15
CA CYS B 231 -6.52 -7.49 -18.87
C CYS B 231 -7.17 -7.39 -20.25
N VAL B 232 -6.72 -8.26 -21.16
CA VAL B 232 -7.32 -8.40 -22.48
C VAL B 232 -8.32 -9.55 -22.43
N ILE B 233 -9.52 -9.30 -22.91
CA ILE B 233 -10.56 -10.32 -22.89
C ILE B 233 -10.31 -11.35 -23.98
N ASN B 234 -10.83 -12.55 -23.78
CA ASN B 234 -10.90 -13.54 -24.85
C ASN B 234 -12.22 -13.36 -25.59
N GLU B 235 -12.45 -14.23 -26.58
CA GLU B 235 -13.72 -14.19 -27.31
C GLU B 235 -14.84 -14.88 -26.55
N VAL B 236 -14.51 -15.84 -25.68
CA VAL B 236 -15.53 -16.51 -24.88
C VAL B 236 -16.12 -15.54 -23.86
N GLY B 237 -15.29 -14.67 -23.29
CA GLY B 237 -15.80 -13.64 -22.40
C GLY B 237 -16.53 -12.54 -23.12
N GLN B 238 -16.09 -12.19 -24.33
CA GLN B 238 -16.81 -11.21 -25.13
C GLN B 238 -18.18 -11.73 -25.51
N LYS B 239 -18.30 -13.03 -25.79
CA LYS B 239 -19.60 -13.61 -26.10
C LYS B 239 -20.44 -13.78 -24.84
N LYS B 240 -19.81 -14.09 -23.71
CA LYS B 240 -20.53 -14.35 -22.48
C LYS B 240 -21.31 -13.13 -21.99
N PHE B 241 -20.90 -11.93 -22.38
CA PHE B 241 -21.56 -10.70 -21.98
C PHE B 241 -21.91 -9.92 -23.25
N SER B 242 -23.19 -9.82 -23.56
CA SER B 242 -23.63 -9.16 -24.79
C SER B 242 -24.86 -8.30 -24.54
N ASP C 28 9.81 14.51 21.83
CA ASP C 28 8.41 14.76 21.55
C ASP C 28 7.90 13.83 20.44
N CYS C 29 6.70 13.32 20.64
CA CYS C 29 6.08 12.41 19.68
C CYS C 29 4.57 12.40 19.96
N VAL C 30 3.89 11.33 19.56
CA VAL C 30 2.48 11.15 19.85
C VAL C 30 2.36 10.46 21.21
N VAL C 31 1.58 11.06 22.11
CA VAL C 31 1.46 10.58 23.47
C VAL C 31 0.16 9.79 23.59
N ILE C 32 0.27 8.52 23.98
CA ILE C 32 -0.87 7.68 24.31
C ILE C 32 -1.04 7.75 25.82
N GLU C 33 -2.02 8.53 26.26
CA GLU C 33 -2.24 8.71 27.69
C GLU C 33 -2.68 7.41 28.36
N ASP C 34 -2.50 7.35 29.67
CA ASP C 34 -2.79 6.12 30.40
C ASP C 34 -4.29 5.87 30.53
N SER C 35 -5.11 6.92 30.48
CA SER C 35 -6.55 6.75 30.53
C SER C 35 -7.13 6.26 29.21
N PHE C 36 -6.29 5.87 28.26
CA PHE C 36 -6.74 5.32 26.98
C PHE C 36 -6.80 3.81 27.10
N ARG C 37 -7.99 3.24 26.90
CA ARG C 37 -8.19 1.80 27.03
C ARG C 37 -7.84 1.03 25.77
N GLY C 38 -7.56 1.72 24.67
CA GLY C 38 -7.28 1.05 23.42
C GLY C 38 -8.54 0.79 22.61
N PHE C 39 -8.37 0.01 21.55
CA PHE C 39 -9.49 -0.39 20.72
C PHE C 39 -9.67 -1.90 20.82
N PRO C 40 -10.92 -2.38 20.82
CA PRO C 40 -11.13 -3.83 20.93
C PRO C 40 -10.63 -4.56 19.69
N THR C 41 -9.99 -5.72 19.93
CA THR C 41 -9.40 -6.48 18.84
C THR C 41 -10.45 -6.97 17.85
N GLU C 42 -11.69 -7.16 18.32
CA GLU C 42 -12.75 -7.70 17.46
C GLU C 42 -13.19 -6.72 16.38
N TYR C 43 -12.73 -5.48 16.41
CA TYR C 43 -13.06 -4.50 15.38
C TYR C 43 -11.94 -4.32 14.36
N PHE C 44 -10.82 -5.04 14.52
CA PHE C 44 -9.73 -4.99 13.57
C PHE C 44 -9.31 -6.41 13.20
N CYS C 45 -8.75 -6.54 12.01
CA CYS C 45 -8.32 -7.84 11.53
C CYS C 45 -7.09 -8.30 12.30
N THR C 46 -7.22 -9.40 13.02
CA THR C 46 -6.13 -9.95 13.81
C THR C 46 -5.98 -11.43 13.47
N SER C 47 -4.76 -11.94 13.69
CA SER C 47 -4.49 -13.33 13.39
C SER C 47 -5.31 -14.23 14.31
N PRO C 48 -5.93 -15.28 13.76
CA PRO C 48 -6.68 -16.24 14.60
C PRO C 48 -5.80 -17.02 15.55
N ARG C 49 -4.47 -16.93 15.41
CA ARG C 49 -3.56 -17.62 16.31
C ARG C 49 -3.70 -17.09 17.73
N TYR C 50 -3.86 -15.78 17.89
CA TYR C 50 -3.97 -15.19 19.22
C TYR C 50 -5.38 -14.69 19.47
N ASP C 51 -6.36 -15.61 19.50
CA ASP C 51 -7.75 -15.20 19.64
C ASP C 51 -8.05 -14.67 21.04
N GLU C 52 -7.59 -15.39 22.07
CA GLU C 52 -7.90 -15.04 23.45
C GLU C 52 -6.74 -14.36 24.18
N CYS C 53 -5.62 -14.12 23.51
CA CYS C 53 -4.40 -13.67 24.17
C CYS C 53 -4.18 -12.16 24.07
N LEU C 54 -5.15 -11.41 23.56
CA LEU C 54 -4.99 -9.98 23.33
C LEU C 54 -6.06 -9.21 24.09
N ASP C 55 -5.63 -8.26 24.92
CA ASP C 55 -6.58 -7.38 25.60
C ASP C 55 -7.13 -6.33 24.65
N TYR C 56 -6.25 -5.52 24.06
CA TYR C 56 -6.71 -4.45 23.17
C TYR C 56 -5.64 -4.18 22.13
N VAL C 57 -5.87 -3.17 21.31
CA VAL C 57 -4.86 -2.64 20.39
C VAL C 57 -4.58 -1.19 20.78
N LEU C 58 -3.30 -0.88 21.00
CA LEU C 58 -2.91 0.50 21.29
C LEU C 58 -2.90 1.33 20.01
N ILE C 59 -2.10 0.89 19.03
CA ILE C 59 -1.90 1.64 17.79
C ILE C 59 -2.18 0.72 16.61
N PRO C 60 -3.21 1.00 15.81
CA PRO C 60 -3.43 0.21 14.60
C PRO C 60 -2.26 0.34 13.63
N ASN C 61 -2.18 -0.63 12.71
CA ASN C 61 -1.07 -0.68 11.77
C ASN C 61 -1.05 0.55 10.86
N GLY C 62 -2.21 0.93 10.33
CA GLY C 62 -2.28 2.07 9.44
C GLY C 62 -1.89 3.38 10.11
N MET C 63 -2.19 3.52 11.40
CA MET C 63 -1.74 4.71 12.12
C MET C 63 -0.23 4.78 12.19
N ILE C 64 0.42 3.62 12.40
CA ILE C 64 1.88 3.57 12.34
C ILE C 64 2.36 4.01 10.96
N LYS C 65 1.72 3.49 9.91
CA LYS C 65 2.10 3.86 8.55
C LYS C 65 1.97 5.37 8.32
N ASP C 66 0.96 5.99 8.93
CA ASP C 66 0.73 7.42 8.72
C ASP C 66 1.69 8.28 9.55
N ARG C 67 2.09 7.81 10.73
CA ARG C 67 3.08 8.54 11.53
C ARG C 67 4.46 8.46 10.92
N LEU C 68 4.81 7.31 10.33
CA LEU C 68 6.13 7.14 9.75
C LEU C 68 6.42 8.12 8.62
N GLU C 69 5.38 8.63 7.95
CA GLU C 69 5.58 9.70 6.98
C GLU C 69 6.27 10.89 7.64
N LYS C 70 5.64 11.43 8.69
CA LYS C 70 6.19 12.60 9.35
C LYS C 70 7.54 12.30 9.99
N MET C 71 7.71 11.10 10.56
CA MET C 71 9.00 10.77 11.15
C MET C 71 10.10 10.74 10.10
N SER C 72 9.84 10.12 8.95
CA SER C 72 10.83 10.09 7.88
C SER C 72 11.15 11.49 7.38
N MET C 73 10.12 12.34 7.24
CA MET C 73 10.36 13.73 6.87
C MET C 73 11.28 14.42 7.86
N ASN C 74 11.07 14.18 9.16
CA ASN C 74 11.93 14.78 10.17
C ASN C 74 13.37 14.30 10.03
N ILE C 75 13.55 13.00 9.78
CA ILE C 75 14.91 12.45 9.66
C ILE C 75 15.62 13.06 8.46
N VAL C 76 14.96 13.06 7.30
CA VAL C 76 15.57 13.63 6.10
C VAL C 76 15.87 15.11 6.29
N ASP C 77 14.98 15.83 7.00
CA ASP C 77 15.22 17.25 7.23
C ASP C 77 16.41 17.47 8.15
N TYR C 78 16.59 16.61 9.15
CA TYR C 78 17.78 16.74 10.00
C TYR C 78 19.05 16.44 9.22
N TYR C 79 19.01 15.44 8.34
CA TYR C 79 20.17 15.13 7.53
C TYR C 79 20.31 16.05 6.31
N GLU C 80 19.41 17.02 6.15
CA GLU C 80 19.60 18.10 5.19
C GLU C 80 19.96 19.42 5.83
N ALA C 81 19.70 19.60 7.13
CA ALA C 81 20.20 20.78 7.82
C ALA C 81 21.71 20.86 7.73
N CYS C 82 22.39 19.76 8.01
CA CYS C 82 23.77 19.56 7.63
C CYS C 82 23.82 18.82 6.29
N ASN C 83 25.00 18.81 5.67
CA ASN C 83 25.18 18.20 4.36
C ASN C 83 25.82 16.83 4.54
N ALA C 84 25.00 15.87 4.95
CA ALA C 84 25.45 14.49 5.11
C ALA C 84 25.55 13.82 3.74
N THR C 85 26.71 13.26 3.44
CA THR C 85 26.96 12.58 2.17
C THR C 85 26.58 11.11 2.21
N SER C 86 26.01 10.62 3.30
CA SER C 86 25.61 9.23 3.44
C SER C 86 24.83 9.07 4.73
N ILE C 87 24.13 7.94 4.83
CA ILE C 87 23.38 7.58 6.05
C ILE C 87 23.25 6.06 6.09
N THR C 88 23.47 5.50 7.27
CA THR C 88 23.49 4.04 7.46
C THR C 88 22.50 3.70 8.57
N LEU C 89 21.42 3.01 8.21
CA LEU C 89 20.43 2.60 9.19
C LEU C 89 20.85 1.28 9.83
N MET C 90 20.84 1.24 11.16
CA MET C 90 21.27 0.07 11.92
C MET C 90 20.03 -0.65 12.45
N CYS C 91 19.69 -1.76 11.80
CA CYS C 91 18.52 -2.54 12.23
C CYS C 91 18.91 -3.46 13.38
N VAL C 92 18.12 -3.43 14.45
CA VAL C 92 18.36 -4.26 15.63
C VAL C 92 17.33 -5.38 15.60
N LEU C 93 17.72 -6.50 15.02
CA LEU C 93 16.86 -7.68 14.93
C LEU C 93 16.65 -8.29 16.32
N LYS C 94 15.51 -8.95 16.56
CA LYS C 94 14.50 -9.20 15.54
C LYS C 94 13.33 -8.24 15.66
N GLY C 95 13.46 -7.25 16.55
CA GLY C 95 12.31 -6.44 16.92
C GLY C 95 11.95 -5.37 15.92
N GLY C 96 12.91 -4.86 15.16
CA GLY C 96 12.62 -3.70 14.33
C GLY C 96 12.63 -3.92 12.84
N PHE C 97 12.37 -5.15 12.37
CA PHE C 97 12.50 -5.44 10.95
C PHE C 97 11.32 -4.89 10.16
N LYS C 98 10.11 -4.95 10.74
CA LYS C 98 8.97 -4.27 10.13
C LYS C 98 9.14 -2.76 10.20
N PHE C 99 9.56 -2.25 11.36
CA PHE C 99 9.79 -0.81 11.52
C PHE C 99 10.89 -0.33 10.58
N LEU C 100 11.94 -1.13 10.40
CA LEU C 100 12.98 -0.77 9.44
C LEU C 100 12.46 -0.84 8.01
N ALA C 101 11.59 -1.81 7.72
CA ALA C 101 11.05 -1.93 6.37
C ALA C 101 10.24 -0.70 6.00
N ASP C 102 9.23 -0.36 6.80
CA ASP C 102 8.39 0.78 6.47
C ASP C 102 9.13 2.10 6.65
N LEU C 103 10.12 2.15 7.54
CA LEU C 103 10.92 3.37 7.69
C LEU C 103 11.80 3.60 6.47
N VAL C 104 12.46 2.55 5.98
CA VAL C 104 13.25 2.66 4.76
C VAL C 104 12.36 2.99 3.57
N ASP C 105 11.13 2.46 3.55
CA ASP C 105 10.21 2.82 2.48
C ASP C 105 9.85 4.31 2.54
N GLY C 106 9.58 4.82 3.75
CA GLY C 106 9.27 6.24 3.87
C GLY C 106 10.44 7.14 3.51
N LEU C 107 11.65 6.76 3.95
CA LEU C 107 12.83 7.55 3.62
C LEU C 107 13.12 7.53 2.14
N GLU C 108 13.07 6.35 1.52
CA GLU C 108 13.22 6.26 0.06
C GLU C 108 12.18 7.11 -0.65
N ARG C 109 10.94 7.10 -0.16
CA ARG C 109 9.89 7.85 -0.84
C ARG C 109 10.06 9.35 -0.67
N THR C 110 10.64 9.79 0.46
CA THR C 110 10.85 11.20 0.68
C THR C 110 12.05 11.72 -0.11
N VAL C 111 13.19 11.02 -0.02
CA VAL C 111 14.35 11.39 -0.82
C VAL C 111 14.01 11.36 -2.30
N ARG C 112 13.23 10.36 -2.71
CA ARG C 112 12.83 10.27 -4.12
C ARG C 112 11.87 11.40 -4.49
N ALA C 113 10.97 11.78 -3.57
CA ALA C 113 9.99 12.81 -3.87
C ALA C 113 10.60 14.20 -3.91
N ARG C 114 11.75 14.41 -3.29
CA ARG C 114 12.38 15.72 -3.23
C ARG C 114 13.61 15.82 -4.12
N GLY C 115 13.90 14.80 -4.92
CA GLY C 115 14.95 14.89 -5.92
C GLY C 115 16.33 15.13 -5.37
N ILE C 116 16.58 14.72 -4.13
CA ILE C 116 17.87 14.91 -3.51
C ILE C 116 18.66 13.63 -3.62
N VAL C 117 19.97 13.75 -3.44
CA VAL C 117 20.89 12.64 -3.59
C VAL C 117 21.36 12.29 -2.17
N LEU C 118 20.59 11.42 -1.51
CA LEU C 118 20.87 10.98 -0.14
C LEU C 118 21.07 9.46 -0.20
N PRO C 119 22.31 9.00 -0.35
CA PRO C 119 22.55 7.56 -0.40
C PRO C 119 22.35 6.91 0.97
N MET C 120 21.73 5.74 0.95
CA MET C 120 21.36 5.04 2.17
C MET C 120 21.86 3.60 2.13
N SER C 121 22.33 3.12 3.29
CA SER C 121 22.73 1.74 3.47
C SER C 121 22.07 1.20 4.72
N VAL C 122 21.96 -0.13 4.80
CA VAL C 122 21.39 -0.81 5.95
C VAL C 122 22.44 -1.76 6.51
N GLU C 123 22.69 -1.63 7.82
CA GLU C 123 23.66 -2.46 8.52
C GLU C 123 22.92 -3.27 9.58
N PHE C 124 23.00 -4.59 9.48
CA PHE C 124 22.32 -5.47 10.44
C PHE C 124 23.28 -5.92 11.53
N GLU C 149 35.49 -2.39 9.71
CA GLU C 149 34.32 -3.06 9.16
C GLU C 149 33.13 -2.12 9.13
N TYR C 150 33.02 -1.34 8.04
CA TYR C 150 31.94 -0.38 7.83
C TYR C 150 31.86 0.62 8.99
N LYS C 151 32.85 1.52 9.00
CA LYS C 151 33.01 2.52 10.04
C LYS C 151 33.09 3.90 9.40
N ASP C 152 33.16 4.93 10.26
CA ASP C 152 33.24 6.33 9.85
C ASP C 152 32.05 6.72 8.97
N LYS C 153 30.86 6.31 9.37
CA LYS C 153 29.63 6.64 8.66
C LYS C 153 28.58 7.15 9.64
N ASN C 154 27.72 8.03 9.15
CA ASN C 154 26.59 8.48 9.95
C ASN C 154 25.64 7.33 10.18
N VAL C 155 25.25 7.11 11.43
CA VAL C 155 24.46 5.94 11.82
C VAL C 155 23.13 6.40 12.40
N LEU C 156 22.04 5.88 11.86
CA LEU C 156 20.70 6.05 12.41
C LEU C 156 20.25 4.69 12.93
N VAL C 157 20.31 4.52 14.24
CA VAL C 157 19.95 3.25 14.87
C VAL C 157 18.42 3.14 14.89
N VAL C 158 17.91 2.11 14.23
CA VAL C 158 16.47 1.86 14.14
C VAL C 158 16.15 0.73 15.11
N GLU C 159 15.70 1.10 16.31
CA GLU C 159 15.36 0.13 17.34
C GLU C 159 13.84 0.11 17.56
N ASP C 160 13.40 -0.91 18.29
CA ASP C 160 11.96 -1.17 18.44
C ASP C 160 11.34 -0.29 19.53
N ILE C 161 11.85 -0.39 20.77
CA ILE C 161 11.27 0.34 21.89
C ILE C 161 12.32 0.47 22.97
N ILE C 162 12.22 1.54 23.75
CA ILE C 162 13.13 1.78 24.87
C ILE C 162 12.34 2.07 26.14
N THR C 164 13.37 1.32 29.35
CA THR C 164 14.41 1.63 30.31
C THR C 164 15.59 2.33 29.64
N GLY C 165 16.03 1.77 28.52
CA GLY C 165 17.18 2.27 27.80
C GLY C 165 18.46 1.48 28.00
N LYS C 166 18.40 0.36 28.72
CA LYS C 166 19.61 -0.40 29.01
C LYS C 166 20.16 -1.11 27.79
N THR C 167 19.34 -1.36 26.78
CA THR C 167 19.81 -2.02 25.57
C THR C 167 20.44 -1.02 24.61
N ILE C 168 19.78 0.12 24.38
CA ILE C 168 20.32 1.17 23.53
C ILE C 168 21.68 1.63 24.05
N THR C 169 21.89 1.60 25.36
CA THR C 169 23.20 1.93 25.90
C THR C 169 24.25 0.92 25.46
N LYS C 170 23.87 -0.36 25.38
CA LYS C 170 24.79 -1.36 24.86
C LYS C 170 25.10 -1.12 23.38
N LEU C 171 24.09 -0.69 22.62
CA LEU C 171 24.32 -0.36 21.22
C LEU C 171 25.32 0.80 21.08
N ILE C 172 24.99 1.93 21.70
CA ILE C 172 25.82 3.14 21.55
C ILE C 172 27.22 2.89 22.10
N SER C 173 27.33 2.12 23.18
CA SER C 173 28.64 1.78 23.71
C SER C 173 29.43 0.90 22.75
N HIS C 174 28.76 -0.06 22.12
CA HIS C 174 29.43 -0.90 21.13
C HIS C 174 29.81 -0.13 19.88
N LEU C 175 29.18 1.03 19.63
CA LEU C 175 29.53 1.82 18.46
C LEU C 175 30.88 2.53 18.61
N ASP C 176 31.37 2.71 19.84
CA ASP C 176 32.60 3.44 20.05
C ASP C 176 33.84 2.67 19.59
N SER C 177 33.72 1.37 19.37
CA SER C 177 34.87 0.59 18.92
C SER C 177 35.27 0.98 17.50
N LEU C 178 34.30 1.16 16.62
CA LEU C 178 34.57 1.60 15.25
C LEU C 178 34.62 3.11 15.11
N SER C 179 34.21 3.87 16.13
CA SER C 179 34.20 5.32 16.08
C SER C 179 33.42 5.85 14.87
N THR C 180 32.09 5.78 14.92
CA THR C 180 31.30 6.30 13.79
C THR C 180 31.45 7.81 13.70
N LYS C 181 31.34 8.32 12.46
CA LYS C 181 31.48 9.76 12.23
C LYS C 181 30.38 10.55 12.94
N SER C 182 29.20 9.97 13.06
CA SER C 182 28.07 10.59 13.74
C SER C 182 27.06 9.52 14.09
N VAL C 183 26.40 9.68 15.23
CA VAL C 183 25.47 8.70 15.77
C VAL C 183 24.18 9.40 16.18
N LYS C 184 23.05 8.87 15.69
CA LYS C 184 21.73 9.29 16.12
C LYS C 184 20.86 8.04 16.24
N VAL C 185 19.86 8.09 17.11
CA VAL C 185 19.02 6.95 17.42
C VAL C 185 17.56 7.32 17.21
N ALA C 186 16.83 6.47 16.49
CA ALA C 186 15.40 6.64 16.25
C ALA C 186 14.67 5.40 16.70
N SER C 187 13.64 5.58 17.54
CA SER C 187 12.84 4.49 18.07
C SER C 187 11.38 4.73 17.75
N LEU C 188 10.66 3.62 17.52
CA LEU C 188 9.25 3.70 17.17
C LEU C 188 8.39 4.00 18.41
N LEU C 189 8.63 3.27 19.50
CA LEU C 189 7.85 3.43 20.72
C LEU C 189 8.77 3.80 21.88
N VAL C 190 8.17 4.43 22.89
CA VAL C 190 8.82 4.74 24.15
C VAL C 190 7.80 4.55 25.27
N LYS C 191 8.19 3.82 26.31
CA LYS C 191 7.31 3.54 27.44
C LYS C 191 7.66 4.42 28.63
N ARG C 192 6.65 4.94 29.30
CA ARG C 192 6.86 5.75 30.50
C ARG C 192 7.34 4.88 31.66
N ASP C 198 13.67 8.85 32.83
CA ASP C 198 13.09 9.48 31.66
C ASP C 198 14.18 9.92 30.68
N TYR C 199 14.35 9.14 29.62
CA TYR C 199 15.31 9.43 28.56
C TYR C 199 14.59 9.35 27.21
N ARG C 200 15.09 10.12 26.24
CA ARG C 200 14.48 10.20 24.93
C ARG C 200 15.51 10.06 23.83
N PRO C 201 15.26 9.25 22.81
CA PRO C 201 16.13 9.20 21.62
C PRO C 201 15.87 10.42 20.74
N ASP C 202 16.65 10.51 19.66
CA ASP C 202 16.59 11.70 18.81
C ASP C 202 15.31 11.75 18.00
N PHE C 203 14.74 10.60 17.63
CA PHE C 203 13.50 10.52 16.87
C PHE C 203 12.58 9.51 17.54
N VAL C 204 11.41 9.98 17.97
CA VAL C 204 10.42 9.15 18.65
C VAL C 204 9.13 9.18 17.84
N GLY C 205 8.44 8.04 17.80
CA GLY C 205 7.17 7.95 17.11
C GLY C 205 5.96 8.06 18.02
N PHE C 206 5.86 7.13 18.97
CA PHE C 206 4.78 7.13 19.94
C PHE C 206 5.35 6.99 21.34
N GLU C 207 4.59 7.46 22.32
CA GLU C 207 4.90 7.30 23.73
C GLU C 207 3.77 6.51 24.38
N VAL C 208 4.09 5.31 24.85
CA VAL C 208 3.08 4.38 25.36
C VAL C 208 3.18 4.27 26.87
N PRO C 209 2.13 3.83 27.56
CA PRO C 209 2.23 3.59 29.01
C PRO C 209 3.23 2.50 29.35
N ASN C 210 3.44 2.26 30.65
CA ASN C 210 4.35 1.23 31.11
C ASN C 210 3.78 -0.18 31.00
N ARG C 211 2.75 -0.38 30.18
CA ARG C 211 2.19 -1.70 29.95
C ARG C 211 3.03 -2.46 28.93
N PHE C 212 2.66 -3.69 28.66
CA PHE C 212 3.39 -4.57 27.76
C PHE C 212 2.69 -4.61 26.41
N VAL C 213 3.46 -4.44 25.33
CA VAL C 213 2.92 -4.36 23.98
C VAL C 213 3.59 -5.42 23.11
N VAL C 214 2.81 -5.96 22.16
CA VAL C 214 3.27 -6.98 21.23
C VAL C 214 2.76 -6.64 19.82
N GLY C 215 3.21 -7.42 18.84
CA GLY C 215 2.89 -7.18 17.46
C GLY C 215 3.89 -6.27 16.78
N TYR C 216 3.81 -6.22 15.45
CA TYR C 216 4.69 -5.37 14.62
C TYR C 216 6.16 -5.71 14.87
N ALA C 217 6.45 -7.01 14.85
CA ALA C 217 7.70 -7.70 15.25
C ALA C 217 8.09 -7.53 16.73
N LEU C 218 7.28 -6.89 17.55
CA LEU C 218 7.55 -6.88 18.99
C LEU C 218 7.11 -8.22 19.58
N ASP C 219 7.95 -8.79 20.45
CA ASP C 219 7.77 -10.17 20.85
C ASP C 219 7.73 -10.34 22.36
N TYR C 220 6.97 -11.33 22.80
CA TYR C 220 6.99 -11.83 24.17
C TYR C 220 7.51 -13.26 24.08
N ASN C 221 8.83 -13.41 24.20
CA ASN C 221 9.53 -14.69 24.07
C ASN C 221 9.42 -15.23 22.64
N ASP C 222 9.94 -14.46 21.67
CA ASP C 222 9.92 -14.85 20.26
C ASP C 222 8.50 -15.22 19.80
N ASN C 223 7.52 -14.43 20.22
CA ASN C 223 6.12 -14.73 19.97
C ASN C 223 5.37 -13.43 19.71
N PHE C 224 4.23 -13.54 19.03
CA PHE C 224 3.34 -12.42 18.68
C PHE C 224 3.93 -11.49 17.63
N ARG C 225 4.97 -11.91 16.92
CA ARG C 225 5.60 -11.01 15.95
C ARG C 225 4.77 -10.86 14.68
N ASP C 226 4.07 -11.91 14.26
CA ASP C 226 3.26 -11.86 13.04
C ASP C 226 1.98 -11.05 13.20
N LEU C 227 1.75 -10.44 14.36
CA LEU C 227 0.57 -9.63 14.57
C LEU C 227 0.67 -8.32 13.78
N HIS C 228 -0.43 -7.94 13.12
CA HIS C 228 -0.40 -6.77 12.26
C HIS C 228 -0.32 -5.48 13.07
N HIS C 229 -1.19 -5.33 14.07
CA HIS C 229 -1.26 -4.13 14.86
C HIS C 229 -0.47 -4.28 16.15
N ILE C 230 -0.23 -3.15 16.81
CA ILE C 230 0.42 -3.13 18.11
C ILE C 230 -0.64 -3.29 19.18
N CYS C 231 -0.59 -4.39 19.91
CA CYS C 231 -1.63 -4.77 20.86
C CYS C 231 -1.08 -4.80 22.29
N VAL C 232 -2.00 -4.85 23.24
CA VAL C 232 -1.69 -5.11 24.64
C VAL C 232 -2.36 -6.42 25.02
N ILE C 233 -1.57 -7.32 25.62
CA ILE C 233 -2.02 -8.67 25.95
C ILE C 233 -2.53 -8.70 27.38
N ASN C 234 -3.31 -9.73 27.70
CA ASN C 234 -3.81 -9.94 29.04
C ASN C 234 -2.92 -10.95 29.78
N GLU C 235 -3.24 -11.16 31.06
CA GLU C 235 -2.43 -12.05 31.87
C GLU C 235 -2.52 -13.50 31.41
N VAL C 236 -3.68 -13.92 30.88
CA VAL C 236 -3.82 -15.29 30.42
C VAL C 236 -2.91 -15.56 29.23
N GLY C 237 -2.83 -14.60 28.30
CA GLY C 237 -1.86 -14.71 27.22
C GLY C 237 -0.43 -14.53 27.69
N GLN C 238 -0.22 -13.68 28.70
CA GLN C 238 1.12 -13.49 29.24
C GLN C 238 1.64 -14.75 29.93
N LYS C 239 0.74 -15.60 30.42
CA LYS C 239 1.13 -16.86 31.02
C LYS C 239 1.11 -18.01 30.02
N LYS C 240 0.37 -17.90 28.93
CA LYS C 240 0.33 -18.94 27.92
C LYS C 240 1.62 -19.01 27.11
N PHE C 241 2.52 -18.04 27.27
CA PHE C 241 3.80 -18.00 26.56
C PHE C 241 4.93 -17.64 27.52
N SER C 242 4.88 -18.17 28.73
CA SER C 242 5.95 -17.95 29.69
C SER C 242 7.18 -18.77 29.34
N VAL C 243 8.35 -18.20 29.60
CA VAL C 243 9.61 -18.87 29.32
C VAL C 243 10.13 -19.57 30.57
N ALA D 27 -23.77 -3.45 14.33
CA ALA D 27 -23.80 -2.02 14.61
C ALA D 27 -22.68 -1.62 15.58
N ASP D 28 -22.11 -2.61 16.25
CA ASP D 28 -20.93 -2.38 17.08
C ASP D 28 -19.75 -1.96 16.20
N CYS D 29 -18.92 -1.08 16.73
CA CYS D 29 -17.84 -0.49 15.95
C CYS D 29 -16.81 0.11 16.91
N VAL D 30 -15.80 0.75 16.32
CA VAL D 30 -14.82 1.53 17.07
C VAL D 30 -15.54 2.77 17.60
N VAL D 31 -15.74 2.83 18.91
CA VAL D 31 -16.46 3.93 19.55
C VAL D 31 -15.42 4.91 20.09
N ILE D 32 -15.35 6.08 19.45
CA ILE D 32 -14.49 7.16 19.92
C ILE D 32 -15.21 7.86 21.06
N GLU D 33 -14.75 7.63 22.30
CA GLU D 33 -15.36 8.27 23.44
C GLU D 33 -15.05 9.77 23.45
N ASP D 34 -15.92 10.53 24.13
CA ASP D 34 -15.71 11.97 24.25
C ASP D 34 -14.51 12.31 25.12
N SER D 35 -13.92 11.33 25.81
CA SER D 35 -12.72 11.58 26.58
C SER D 35 -11.48 11.68 25.69
N PHE D 36 -11.51 11.07 24.52
CA PHE D 36 -10.36 11.09 23.62
C PHE D 36 -10.13 12.51 23.11
N ARG D 37 -8.91 13.01 23.29
CA ARG D 37 -8.57 14.36 22.88
C ARG D 37 -8.04 14.45 21.45
N GLY D 38 -7.92 13.32 20.76
CA GLY D 38 -7.43 13.32 19.40
C GLY D 38 -5.92 13.33 19.34
N PHE D 39 -5.41 13.51 18.13
CA PHE D 39 -3.99 13.54 17.85
C PHE D 39 -3.62 14.87 17.21
N PRO D 40 -2.67 15.62 17.76
CA PRO D 40 -2.33 16.92 17.18
C PRO D 40 -1.79 16.78 15.77
N THR D 41 -2.14 17.75 14.92
CA THR D 41 -1.79 17.69 13.50
C THR D 41 -0.29 17.77 13.25
N GLU D 42 0.48 18.32 14.19
CA GLU D 42 1.91 18.53 13.95
C GLU D 42 2.67 17.23 13.76
N TYR D 43 2.16 16.13 14.31
CA TYR D 43 2.84 14.85 14.26
C TYR D 43 2.42 13.99 13.08
N PHE D 44 1.68 14.55 12.12
CA PHE D 44 1.30 13.80 10.92
C PHE D 44 1.57 14.62 9.67
N CYS D 45 1.12 14.12 8.53
CA CYS D 45 1.27 14.81 7.25
C CYS D 45 -0.12 15.27 6.81
N THR D 46 -0.38 16.56 6.98
CA THR D 46 -1.61 17.19 6.54
C THR D 46 -1.31 18.16 5.42
N SER D 47 -2.33 18.44 4.61
CA SER D 47 -2.19 19.38 3.51
C SER D 47 -1.76 20.74 4.06
N PRO D 48 -0.62 21.27 3.64
CA PRO D 48 -0.18 22.58 4.14
C PRO D 48 -1.18 23.70 3.88
N ARG D 49 -2.14 23.48 2.98
CA ARG D 49 -3.19 24.47 2.74
C ARG D 49 -3.97 24.76 4.02
N TYR D 50 -4.17 23.75 4.87
CA TYR D 50 -4.92 23.92 6.11
C TYR D 50 -3.99 23.95 7.31
N ASP D 51 -3.08 24.92 7.35
CA ASP D 51 -2.11 24.98 8.44
C ASP D 51 -2.76 25.37 9.75
N GLU D 52 -3.50 26.48 9.75
CA GLU D 52 -4.06 27.05 10.98
C GLU D 52 -5.52 26.68 11.20
N CYS D 53 -6.07 25.77 10.41
CA CYS D 53 -7.51 25.54 10.39
C CYS D 53 -7.94 24.29 11.14
N LEU D 54 -7.01 23.53 11.70
CA LEU D 54 -7.31 22.23 12.29
C LEU D 54 -6.97 22.22 13.77
N ASP D 55 -7.85 21.62 14.57
CA ASP D 55 -7.57 21.45 16.00
C ASP D 55 -6.70 20.23 16.24
N TYR D 56 -7.15 19.06 15.80
CA TYR D 56 -6.38 17.84 15.91
C TYR D 56 -6.92 16.82 14.91
N VAL D 57 -6.20 15.72 14.77
CA VAL D 57 -6.64 14.60 13.94
C VAL D 57 -7.47 13.67 14.81
N LEU D 58 -8.63 13.26 14.30
CA LEU D 58 -9.47 12.30 15.01
C LEU D 58 -9.17 10.87 14.58
N ILE D 59 -9.35 10.57 13.30
CA ILE D 59 -9.08 9.24 12.77
C ILE D 59 -8.03 9.35 11.67
N PRO D 60 -6.83 8.81 11.85
CA PRO D 60 -5.84 8.79 10.77
C PRO D 60 -6.33 7.99 9.58
N ASN D 61 -5.72 8.26 8.42
CA ASN D 61 -6.12 7.59 7.19
C ASN D 61 -5.88 6.09 7.27
N GLY D 62 -4.71 5.69 7.79
CA GLY D 62 -4.43 4.29 7.95
C GLY D 62 -5.37 3.59 8.92
N MET D 63 -5.81 4.30 9.96
CA MET D 63 -6.86 3.75 10.81
C MET D 63 -8.11 3.43 9.99
N ILE D 64 -8.50 4.35 9.10
CA ILE D 64 -9.66 4.11 8.26
C ILE D 64 -9.46 2.87 7.41
N LYS D 65 -8.28 2.72 6.82
CA LYS D 65 -8.01 1.54 5.99
C LYS D 65 -8.10 0.25 6.82
N ASP D 66 -7.40 0.21 7.94
CA ASP D 66 -7.38 -0.98 8.78
C ASP D 66 -8.79 -1.38 9.22
N ARG D 67 -9.60 -0.39 9.62
CA ARG D 67 -10.99 -0.69 9.99
C ARG D 67 -11.79 -1.20 8.80
N LEU D 68 -11.56 -0.60 7.61
CA LEU D 68 -12.29 -1.02 6.42
C LEU D 68 -11.94 -2.43 5.97
N GLU D 69 -10.78 -2.96 6.39
CA GLU D 69 -10.49 -4.36 6.11
C GLU D 69 -11.50 -5.28 6.79
N LYS D 70 -11.57 -5.22 8.13
CA LYS D 70 -12.52 -6.03 8.88
C LYS D 70 -13.95 -5.74 8.48
N MET D 71 -14.26 -4.46 8.19
CA MET D 71 -15.60 -4.13 7.72
C MET D 71 -15.89 -4.83 6.40
N SER D 72 -14.92 -4.85 5.48
CA SER D 72 -15.10 -5.55 4.22
C SER D 72 -15.40 -7.03 4.45
N MET D 73 -14.68 -7.65 5.40
CA MET D 73 -14.97 -9.05 5.71
C MET D 73 -16.39 -9.21 6.23
N ASN D 74 -16.82 -8.32 7.13
CA ASN D 74 -18.18 -8.40 7.68
C ASN D 74 -19.23 -8.29 6.58
N ILE D 75 -19.06 -7.33 5.66
CA ILE D 75 -20.02 -7.16 4.59
C ILE D 75 -20.07 -8.39 3.69
N VAL D 76 -18.89 -8.92 3.34
CA VAL D 76 -18.84 -10.07 2.44
C VAL D 76 -19.54 -11.27 3.07
N ASP D 77 -19.18 -11.62 4.31
CA ASP D 77 -19.75 -12.82 4.91
C ASP D 77 -21.23 -12.61 5.26
N TYR D 78 -21.66 -11.38 5.49
CA TYR D 78 -23.10 -11.13 5.63
C TYR D 78 -23.82 -11.40 4.31
N TYR D 79 -23.29 -10.86 3.21
CA TYR D 79 -23.92 -11.09 1.92
C TYR D 79 -23.68 -12.50 1.37
N GLU D 80 -22.94 -13.35 2.09
CA GLU D 80 -22.90 -14.77 1.78
C GLU D 80 -23.78 -15.61 2.67
N ALA D 81 -23.99 -15.18 3.93
CA ALA D 81 -24.98 -15.84 4.78
C ALA D 81 -26.34 -15.84 4.11
N CYS D 82 -26.74 -14.70 3.54
CA CYS D 82 -27.85 -14.64 2.61
C CYS D 82 -27.32 -14.85 1.21
N ASN D 83 -27.85 -15.87 0.53
CA ASN D 83 -27.40 -16.24 -0.82
C ASN D 83 -27.76 -15.11 -1.79
N ALA D 84 -26.92 -14.07 -1.78
CA ALA D 84 -27.07 -12.93 -2.66
C ALA D 84 -26.40 -13.22 -4.00
N THR D 85 -27.16 -13.10 -5.08
CA THR D 85 -26.61 -13.35 -6.40
C THR D 85 -25.61 -12.28 -6.80
N SER D 86 -25.77 -11.06 -6.29
CA SER D 86 -24.92 -9.92 -6.60
C SER D 86 -25.29 -8.78 -5.67
N ILE D 87 -24.42 -7.77 -5.60
CA ILE D 87 -24.73 -6.57 -4.83
C ILE D 87 -24.36 -5.34 -5.66
N THR D 88 -24.97 -4.22 -5.32
CA THR D 88 -24.71 -2.95 -5.97
C THR D 88 -24.45 -1.89 -4.91
N LEU D 89 -23.25 -1.36 -4.88
CA LEU D 89 -22.91 -0.24 -3.99
C LEU D 89 -23.41 1.06 -4.60
N MET D 90 -23.99 1.91 -3.76
CA MET D 90 -24.53 3.19 -4.19
C MET D 90 -23.77 4.30 -3.46
N CYS D 91 -22.80 4.90 -4.15
CA CYS D 91 -22.01 5.97 -3.57
C CYS D 91 -22.77 7.29 -3.66
N VAL D 92 -22.92 7.96 -2.53
CA VAL D 92 -23.60 9.24 -2.46
C VAL D 92 -22.53 10.32 -2.59
N LEU D 93 -22.46 10.94 -3.77
CA LEU D 93 -21.47 11.97 -4.04
C LEU D 93 -21.83 13.28 -3.33
N LYS D 94 -20.81 14.01 -2.88
CA LYS D 94 -19.41 13.63 -3.10
C LYS D 94 -18.71 13.22 -1.81
N GLY D 95 -19.50 12.96 -0.76
CA GLY D 95 -18.94 12.70 0.55
C GLY D 95 -18.38 11.30 0.75
N GLY D 96 -18.82 10.33 -0.07
CA GLY D 96 -18.43 8.97 0.18
C GLY D 96 -17.48 8.37 -0.84
N PHE D 97 -16.67 9.21 -1.50
CA PHE D 97 -15.85 8.69 -2.60
C PHE D 97 -14.62 7.96 -2.09
N LYS D 98 -13.83 8.60 -1.21
CA LYS D 98 -12.67 7.91 -0.65
C LYS D 98 -13.09 6.64 0.07
N PHE D 99 -14.17 6.72 0.85
CA PHE D 99 -14.69 5.54 1.54
C PHE D 99 -15.10 4.45 0.56
N LEU D 100 -15.72 4.83 -0.56
CA LEU D 100 -16.09 3.82 -1.56
C LEU D 100 -14.86 3.22 -2.22
N ALA D 101 -13.83 4.03 -2.49
CA ALA D 101 -12.64 3.52 -3.16
C ALA D 101 -11.92 2.50 -2.27
N ASP D 102 -11.57 2.91 -1.05
CA ASP D 102 -10.89 1.97 -0.15
C ASP D 102 -11.79 0.78 0.17
N LEU D 103 -13.09 1.02 0.32
CA LEU D 103 -14.01 -0.07 0.64
C LEU D 103 -14.06 -1.09 -0.49
N VAL D 104 -14.13 -0.62 -1.73
CA VAL D 104 -14.14 -1.53 -2.88
C VAL D 104 -12.82 -2.27 -2.99
N ASP D 105 -11.70 -1.62 -2.65
CA ASP D 105 -10.43 -2.33 -2.57
C ASP D 105 -10.52 -3.48 -1.58
N GLY D 106 -11.09 -3.23 -0.39
CA GLY D 106 -11.20 -4.28 0.60
C GLY D 106 -12.15 -5.38 0.19
N LEU D 107 -13.25 -5.03 -0.48
CA LEU D 107 -14.25 -6.01 -0.89
C LEU D 107 -13.70 -6.91 -1.98
N GLU D 108 -13.12 -6.32 -3.03
CA GLU D 108 -12.49 -7.10 -4.07
C GLU D 108 -11.36 -7.96 -3.51
N ARG D 109 -10.62 -7.42 -2.54
CA ARG D 109 -9.55 -8.20 -1.92
C ARG D 109 -10.10 -9.40 -1.17
N THR D 110 -11.18 -9.21 -0.42
CA THR D 110 -11.75 -10.29 0.37
C THR D 110 -12.39 -11.35 -0.52
N VAL D 111 -13.24 -10.93 -1.45
CA VAL D 111 -13.81 -11.88 -2.41
C VAL D 111 -12.73 -12.54 -3.24
N ARG D 112 -11.56 -11.89 -3.36
CA ARG D 112 -10.45 -12.48 -4.11
C ARG D 112 -9.79 -13.59 -3.31
N ALA D 113 -9.48 -13.34 -2.04
CA ALA D 113 -8.77 -14.33 -1.23
C ALA D 113 -9.68 -15.51 -0.88
N ARG D 114 -10.94 -15.25 -0.58
CA ARG D 114 -11.86 -16.30 -0.14
C ARG D 114 -12.38 -17.15 -1.29
N GLY D 115 -12.08 -16.80 -2.54
CA GLY D 115 -12.51 -17.59 -3.67
C GLY D 115 -13.98 -17.53 -4.00
N ILE D 116 -14.72 -16.55 -3.46
CA ILE D 116 -16.15 -16.48 -3.75
C ILE D 116 -16.36 -15.80 -5.10
N VAL D 117 -17.53 -16.07 -5.69
CA VAL D 117 -17.93 -15.46 -6.95
C VAL D 117 -19.11 -14.53 -6.67
N LEU D 118 -18.83 -13.36 -6.12
CA LEU D 118 -19.87 -12.40 -5.75
C LEU D 118 -19.79 -11.17 -6.65
N PRO D 119 -20.61 -11.07 -7.69
CA PRO D 119 -20.55 -9.90 -8.58
C PRO D 119 -21.01 -8.64 -7.87
N MET D 120 -20.20 -7.60 -7.97
CA MET D 120 -20.47 -6.30 -7.38
C MET D 120 -20.52 -5.24 -8.46
N SER D 121 -21.54 -4.38 -8.39
CA SER D 121 -21.68 -3.21 -9.25
C SER D 121 -21.50 -1.96 -8.42
N VAL D 122 -21.15 -0.87 -9.10
CA VAL D 122 -20.92 0.42 -8.46
C VAL D 122 -21.73 1.47 -9.20
N GLU D 123 -22.52 2.25 -8.45
CA GLU D 123 -23.32 3.31 -9.04
C GLU D 123 -23.22 4.56 -8.18
N PHE D 124 -23.09 5.71 -8.83
CA PHE D 124 -22.87 6.99 -8.15
C PHE D 124 -24.10 7.87 -8.33
N VAL D 125 -24.57 8.46 -7.24
CA VAL D 125 -25.75 9.31 -7.27
C VAL D 125 -25.51 10.54 -6.38
N ARG D 126 -25.99 11.69 -6.83
CA ARG D 126 -25.84 12.92 -6.07
C ARG D 126 -27.16 13.33 -5.42
N ASP D 152 -35.12 -5.46 -9.10
CA ASP D 152 -34.86 -5.96 -7.76
C ASP D 152 -33.43 -6.46 -7.62
N LYS D 153 -32.59 -5.67 -6.93
CA LYS D 153 -31.19 -6.01 -6.73
C LYS D 153 -30.81 -5.69 -5.28
N ASN D 154 -29.68 -6.26 -4.85
CA ASN D 154 -29.17 -6.01 -3.51
C ASN D 154 -28.40 -4.69 -3.51
N VAL D 155 -28.87 -3.73 -2.72
CA VAL D 155 -28.33 -2.37 -2.71
C VAL D 155 -27.64 -2.14 -1.37
N LEU D 156 -26.37 -1.72 -1.42
CA LEU D 156 -25.63 -1.30 -0.24
C LEU D 156 -25.28 0.17 -0.40
N VAL D 157 -25.91 1.02 0.41
CA VAL D 157 -25.65 2.46 0.34
C VAL D 157 -24.29 2.75 0.96
N VAL D 158 -23.49 3.53 0.26
CA VAL D 158 -22.16 3.91 0.71
C VAL D 158 -22.25 5.40 1.07
N GLU D 159 -22.37 5.68 2.36
CA GLU D 159 -22.58 7.04 2.85
C GLU D 159 -21.36 7.53 3.62
N ASP D 160 -21.32 8.86 3.82
CA ASP D 160 -20.17 9.47 4.48
C ASP D 160 -20.32 9.48 5.99
N ILE D 161 -21.42 10.04 6.50
CA ILE D 161 -21.63 10.14 7.94
C ILE D 161 -23.13 10.28 8.20
N ILE D 162 -23.57 9.77 9.34
CA ILE D 162 -24.94 9.90 9.81
C ILE D 162 -24.95 10.88 10.97
N ASP D 163 -25.72 11.96 10.83
CA ASP D 163 -25.88 12.95 11.89
C ASP D 163 -27.25 12.82 12.54
N THR D 164 -28.31 13.21 11.83
CA THR D 164 -29.67 13.02 12.31
C THR D 164 -30.46 12.00 11.49
N GLY D 165 -29.94 11.60 10.33
CA GLY D 165 -30.55 10.55 9.53
C GLY D 165 -31.62 10.99 8.55
N LYS D 166 -31.86 12.30 8.43
CA LYS D 166 -32.92 12.77 7.54
C LYS D 166 -32.56 12.58 6.08
N THR D 167 -31.26 12.50 5.75
CA THR D 167 -30.82 12.35 4.37
C THR D 167 -30.78 10.89 3.94
N ILE D 168 -30.27 10.01 4.80
CA ILE D 168 -30.18 8.60 4.44
C ILE D 168 -31.56 7.96 4.40
N THR D 169 -32.51 8.47 5.19
CA THR D 169 -33.85 7.89 5.20
C THR D 169 -34.64 8.23 3.94
N LYS D 170 -34.38 9.41 3.36
CA LYS D 170 -35.01 9.75 2.09
C LYS D 170 -34.46 8.90 0.95
N LEU D 171 -33.18 8.53 1.04
CA LEU D 171 -32.61 7.62 0.05
C LEU D 171 -33.16 6.21 0.22
N ILE D 172 -33.16 5.70 1.46
CA ILE D 172 -33.65 4.35 1.71
C ILE D 172 -35.11 4.23 1.31
N SER D 173 -35.90 5.30 1.55
CA SER D 173 -37.28 5.32 1.09
C SER D 173 -37.38 5.57 -0.41
N HIS D 174 -36.34 6.13 -1.03
CA HIS D 174 -36.36 6.33 -2.48
C HIS D 174 -36.09 5.04 -3.23
N LEU D 175 -35.21 4.19 -2.71
CA LEU D 175 -34.93 2.91 -3.35
C LEU D 175 -36.01 1.88 -3.04
N ASP D 176 -36.68 2.00 -1.90
CA ASP D 176 -37.78 1.11 -1.54
C ASP D 176 -39.06 1.43 -2.29
N SER D 177 -39.08 2.50 -3.09
CA SER D 177 -40.26 2.87 -3.87
C SER D 177 -40.53 1.85 -4.97
N SER D 179 -39.67 -1.64 -4.05
CA SER D 179 -39.57 -2.39 -5.30
C SER D 179 -38.12 -2.79 -5.58
N THR D 180 -37.31 -2.83 -4.53
CA THR D 180 -35.94 -3.29 -4.60
C THR D 180 -35.79 -4.59 -3.80
N LYS D 181 -34.89 -5.45 -4.27
CA LYS D 181 -34.70 -6.74 -3.62
C LYS D 181 -34.25 -6.57 -2.17
N SER D 182 -33.29 -5.68 -1.94
CA SER D 182 -32.80 -5.43 -0.58
C SER D 182 -32.17 -4.05 -0.55
N VAL D 183 -32.14 -3.45 0.64
CA VAL D 183 -31.54 -2.14 0.86
C VAL D 183 -30.78 -2.17 2.16
N LYS D 184 -29.48 -1.95 2.10
CA LYS D 184 -28.62 -1.87 3.28
C LYS D 184 -27.79 -0.60 3.21
N VAL D 185 -27.37 -0.12 4.37
CA VAL D 185 -26.62 1.13 4.49
C VAL D 185 -25.31 0.87 5.21
N ALA D 186 -24.21 1.30 4.59
CA ALA D 186 -22.89 1.27 5.21
C ALA D 186 -22.38 2.70 5.33
N SER D 187 -22.06 3.11 6.55
CA SER D 187 -21.60 4.46 6.84
C SER D 187 -20.25 4.41 7.52
N LEU D 188 -19.32 5.23 7.05
CA LEU D 188 -17.99 5.27 7.64
C LEU D 188 -18.04 5.76 9.08
N LEU D 189 -18.65 6.93 9.30
CA LEU D 189 -18.77 7.51 10.62
C LEU D 189 -20.23 7.57 11.03
N VAL D 190 -20.47 7.60 12.34
CA VAL D 190 -21.78 7.81 12.91
C VAL D 190 -21.63 8.82 14.03
N LYS D 191 -22.57 9.77 14.10
CA LYS D 191 -22.57 10.81 15.12
C LYS D 191 -23.37 10.36 16.32
N ARG D 192 -22.80 10.51 17.51
CA ARG D 192 -23.46 10.16 18.75
C ARG D 192 -24.27 11.36 19.22
N THR D 193 -25.59 11.27 19.10
CA THR D 193 -26.48 12.34 19.54
C THR D 193 -26.84 12.20 21.01
N ARG D 196 -29.36 9.97 21.91
CA ARG D 196 -28.91 9.21 20.75
C ARG D 196 -29.92 9.27 19.62
N ASN D 197 -29.44 9.20 18.38
CA ASN D 197 -30.32 9.10 17.24
C ASN D 197 -31.07 7.77 17.25
N ASP D 198 -32.30 7.80 16.76
CA ASP D 198 -33.13 6.59 16.73
C ASP D 198 -32.72 5.62 15.64
N TYR D 199 -31.81 6.00 14.75
CA TYR D 199 -31.45 5.20 13.59
C TYR D 199 -29.97 4.87 13.60
N ARG D 200 -29.64 3.69 13.08
CA ARG D 200 -28.27 3.24 12.96
C ARG D 200 -28.14 2.44 11.67
N PRO D 201 -27.08 2.67 10.89
CA PRO D 201 -26.88 1.88 9.66
C PRO D 201 -26.56 0.43 9.97
N ASP D 202 -26.59 -0.38 8.91
CA ASP D 202 -26.34 -1.82 9.06
C ASP D 202 -24.86 -2.11 9.26
N PHE D 203 -23.99 -1.36 8.60
CA PHE D 203 -22.54 -1.48 8.78
C PHE D 203 -21.99 -0.10 9.11
N VAL D 204 -21.31 0.02 10.25
CA VAL D 204 -20.81 1.29 10.74
C VAL D 204 -19.34 1.12 11.09
N GLY D 205 -18.52 2.08 10.66
CA GLY D 205 -17.09 2.02 10.92
C GLY D 205 -16.67 2.63 12.25
N PHE D 206 -17.06 3.88 12.49
CA PHE D 206 -16.72 4.57 13.72
C PHE D 206 -17.94 5.32 14.25
N GLU D 207 -18.02 5.42 15.57
CA GLU D 207 -19.02 6.23 16.25
C GLU D 207 -18.28 7.38 16.93
N VAL D 208 -18.50 8.60 16.44
CA VAL D 208 -17.71 9.75 16.85
C VAL D 208 -18.54 10.69 17.72
N PRO D 209 -17.90 11.56 18.52
CA PRO D 209 -18.65 12.54 19.31
C PRO D 209 -19.48 13.50 18.46
N ASN D 210 -20.24 14.36 19.13
CA ASN D 210 -21.11 15.32 18.43
C ASN D 210 -20.30 16.56 18.07
N ARG D 211 -19.38 16.36 17.12
CA ARG D 211 -18.51 17.41 16.61
C ARG D 211 -18.50 17.36 15.09
N PHE D 212 -18.14 18.49 14.47
CA PHE D 212 -18.04 18.56 13.02
C PHE D 212 -16.65 18.14 12.60
N VAL D 213 -16.57 17.13 11.73
CA VAL D 213 -15.30 16.57 11.28
C VAL D 213 -15.13 16.85 9.79
N VAL D 214 -13.87 16.90 9.36
CA VAL D 214 -13.50 17.14 7.96
C VAL D 214 -12.36 16.23 7.57
N GLY D 215 -12.12 16.13 6.27
CA GLY D 215 -11.11 15.26 5.71
C GLY D 215 -11.70 13.98 5.16
N TYR D 216 -10.88 13.28 4.37
CA TYR D 216 -11.26 12.01 3.75
C TYR D 216 -12.53 12.17 2.92
N ALA D 217 -12.57 13.27 2.15
CA ALA D 217 -13.69 13.76 1.33
C ALA D 217 -14.90 14.24 2.15
N LEU D 218 -14.76 14.47 3.45
CA LEU D 218 -15.80 15.11 4.24
C LEU D 218 -15.62 16.62 4.18
N ASP D 219 -16.69 17.34 3.87
CA ASP D 219 -16.60 18.75 3.56
C ASP D 219 -17.20 19.61 4.67
N TYR D 220 -16.59 20.77 4.89
CA TYR D 220 -17.18 21.85 5.67
C TYR D 220 -17.33 23.02 4.70
N ASN D 221 -18.53 23.17 4.15
CA ASN D 221 -18.82 24.16 3.10
C ASN D 221 -17.91 23.94 1.88
N ASP D 222 -18.00 22.73 1.32
CA ASP D 222 -17.38 22.33 0.06
C ASP D 222 -15.86 22.35 0.09
N ASN D 223 -15.25 22.46 1.27
CA ASN D 223 -13.80 22.48 1.40
C ASN D 223 -13.37 21.40 2.39
N PHE D 224 -12.05 21.22 2.52
CA PHE D 224 -11.37 20.26 3.40
C PHE D 224 -11.43 18.84 2.88
N ARG D 225 -11.86 18.62 1.63
CA ARG D 225 -11.98 17.25 1.12
C ARG D 225 -10.64 16.66 0.73
N ASP D 226 -9.71 17.48 0.26
CA ASP D 226 -8.38 17.03 -0.13
C ASP D 226 -7.49 16.70 1.07
N LEU D 227 -8.03 16.75 2.29
CA LEU D 227 -7.28 16.39 3.49
C LEU D 227 -7.12 14.88 3.61
N HIS D 228 -5.98 14.46 4.14
CA HIS D 228 -5.65 13.03 4.17
C HIS D 228 -6.31 12.31 5.34
N HIS D 229 -6.36 12.95 6.51
CA HIS D 229 -6.92 12.35 7.71
C HIS D 229 -8.28 12.96 8.02
N ILE D 230 -8.94 12.39 9.02
CA ILE D 230 -10.18 12.92 9.55
C ILE D 230 -9.85 13.78 10.76
N CYS D 231 -10.16 15.07 10.68
CA CYS D 231 -9.79 16.04 11.69
C CYS D 231 -11.03 16.82 12.12
N VAL D 232 -10.87 17.61 13.18
CA VAL D 232 -11.91 18.49 13.68
C VAL D 232 -11.46 19.93 13.50
N ILE D 233 -12.28 20.74 12.84
CA ILE D 233 -11.92 22.13 12.61
C ILE D 233 -11.95 22.91 13.92
N ASN D 234 -11.19 24.00 13.95
CA ASN D 234 -11.29 25.00 14.99
C ASN D 234 -12.08 26.19 14.46
N GLU D 235 -12.20 27.24 15.28
CA GLU D 235 -13.01 28.39 14.88
C GLU D 235 -12.31 29.23 13.81
N VAL D 236 -10.99 29.14 13.69
CA VAL D 236 -10.27 29.92 12.68
C VAL D 236 -10.63 29.42 11.28
N GLY D 237 -10.49 28.12 11.06
CA GLY D 237 -10.89 27.56 9.77
C GLY D 237 -12.38 27.70 9.52
N GLN D 238 -13.18 27.58 10.59
CA GLN D 238 -14.62 27.81 10.47
C GLN D 238 -14.91 29.19 9.91
N LYS D 239 -14.30 30.23 10.51
CA LYS D 239 -14.52 31.59 10.00
C LYS D 239 -13.92 31.77 8.61
N LYS D 240 -12.83 31.08 8.32
CA LYS D 240 -12.17 31.27 7.03
C LYS D 240 -12.95 30.62 5.88
N PHE D 241 -13.65 29.52 6.13
CA PHE D 241 -14.31 28.80 5.04
C PHE D 241 -15.83 28.78 5.13
N SER D 242 -16.44 29.60 5.98
CA SER D 242 -17.90 29.66 6.10
C SER D 242 -18.39 31.05 5.70
N VAL D 243 -19.08 31.11 4.55
CA VAL D 243 -19.69 32.35 4.06
C VAL D 243 -18.67 33.48 3.98
P IMP E . 24.39 -18.31 -7.63
O1P IMP E . 23.03 -18.97 -7.65
O2P IMP E . 24.94 -17.78 -8.93
O3P IMP E . 25.37 -19.32 -7.09
O5' IMP E . 24.32 -17.07 -6.64
C5' IMP E . 24.83 -15.80 -7.03
C4' IMP E . 24.93 -14.83 -5.87
O4' IMP E . 25.07 -13.49 -6.42
C3' IMP E . 23.76 -14.77 -4.92
O3' IMP E . 24.20 -14.28 -3.65
C2' IMP E . 22.84 -13.73 -5.57
O2' IMP E . 22.05 -13.00 -4.67
C1' IMP E . 23.82 -12.81 -6.32
N9 IMP E . 23.39 -12.48 -7.68
C8 IMP E . 23.32 -13.35 -8.73
N7 IMP E . 22.89 -12.69 -9.82
C5 IMP E . 22.66 -11.41 -9.49
C6 IMP E . 22.21 -10.32 -10.23
O6 IMP E . 21.98 -10.45 -11.44
N1 IMP E . 22.07 -9.09 -9.62
C2 IMP E . 22.39 -8.95 -8.28
N3 IMP E . 22.84 -10.04 -7.55
C4 IMP E . 22.97 -11.25 -8.15
P IMP F . -13.37 6.76 -27.83
O1P IMP F . -14.73 7.33 -28.16
O2P IMP F . -12.37 7.90 -27.75
O3P IMP F . -13.09 5.67 -28.83
O5' IMP F . -13.43 6.09 -26.38
C5' IMP F . -14.36 6.56 -25.41
C4' IMP F . -14.89 5.46 -24.55
O4' IMP F . -14.48 4.19 -25.08
C3' IMP F . -14.45 5.48 -23.08
O3' IMP F . -15.57 5.73 -22.23
C2' IMP F . -13.89 4.08 -22.81
O2' IMP F . -14.35 3.48 -21.61
C1' IMP F . -14.33 3.27 -24.03
N9 IMP F . -13.33 2.28 -24.46
C8 IMP F . -12.55 2.38 -25.59
N7 IMP F . -11.74 1.31 -25.65
C5 IMP F . -11.99 0.52 -24.58
C6 IMP F . -11.44 -0.68 -24.16
O6 IMP F . -10.64 -1.27 -24.88
N1 IMP F . -11.89 -1.27 -23.00
C2 IMP F . -12.88 -0.66 -22.25
N3 IMP F . -13.41 0.53 -22.68
C4 IMP F . -12.98 1.12 -23.81
P IMP G . 14.29 -1.46 27.42
O1P IMP G . 13.14 -0.50 27.56
O2P IMP G . 14.76 -2.19 28.65
O3P IMP G . 15.47 -0.71 26.84
O5' IMP G . 13.85 -2.58 26.37
C5' IMP G . 14.72 -3.66 26.06
C4' IMP G . 14.00 -4.82 25.42
O4' IMP G . 12.66 -4.94 25.95
C3' IMP G . 13.86 -4.76 23.90
O3' IMP G . 14.22 -6.02 23.33
C2' IMP G . 12.36 -4.52 23.69
O2' IMP G . 11.85 -5.03 22.48
C1' IMP G . 11.76 -5.21 24.90
N9 IMP G . 10.44 -4.73 25.26
C8 IMP G . 10.13 -3.63 26.02
N7 IMP G . 8.79 -3.52 26.13
C5 IMP G . 8.22 -4.55 25.47
C6 IMP G . 6.90 -4.92 25.26
O6 IMP G . 6.00 -4.31 25.83
N1 IMP G . 6.61 -6.04 24.52
C2 IMP G . 7.63 -6.79 23.98
N3 IMP G . 8.95 -6.42 24.18
C4 IMP G . 9.24 -5.32 24.91
P IMP H . -27.96 14.27 8.50
O1P IMP H . -28.02 15.48 9.41
O2P IMP H . -27.74 12.93 9.13
O3P IMP H . -29.25 14.24 7.72
O5' IMP H . -26.78 14.52 7.47
C5' IMP H . -26.99 15.28 6.29
C4' IMP H . -25.71 15.76 5.65
O4' IMP H . -24.83 16.34 6.65
C3' IMP H . -24.89 14.68 4.92
O3' IMP H . -24.47 15.18 3.65
C2' IMP H . -23.66 14.51 5.83
O2' IMP H . -22.49 14.12 5.14
C1' IMP H . -23.52 15.90 6.43
N9 IMP H . -22.80 15.92 7.70
C8 IMP H . -23.31 15.64 8.95
N7 IMP H . -22.31 15.77 9.86
C5 IMP H . -21.17 16.13 9.22
C6 IMP H . -19.89 16.40 9.67
O6 IMP H . -19.62 16.25 10.86
N1 IMP H . -18.91 16.76 8.77
C2 IMP H . -19.22 16.85 7.43
N3 IMP H . -20.50 16.58 6.99
C4 IMP H . -21.47 16.23 7.86
#